data_5RMB
#
_entry.id   5RMB
#
_cell.length_a   59.133
_cell.length_b   70.222
_cell.length_c   85.439
_cell.angle_alpha   102.980
_cell.angle_beta   96.210
_cell.angle_gamma   112.220
#
_symmetry.space_group_name_H-M   'P 1'
#
loop_
_entity.id
_entity.type
_entity.pdbx_description
1 polymer Helicase
2 non-polymer 'ethyl (1,1-dioxo-1lambda~6~,4-thiazinan-4-yl)acetate'
3 non-polymer 'ZINC ION'
4 non-polymer 'PHOSPHATE ION'
5 water water
#
_entity_poly.entity_id   1
_entity_poly.type   'polypeptide(L)'
_entity_poly.pdbx_seq_one_letter_code
;AVGACVLCNSQTSLRCGACIRRPFLCCKCCYDHVISTSHKLVLSVNPYVCNAPGCDVTDVTQLYLGGMSYYCKSHKPPIS
FPLCANGQVFGLYKNTCVGSDNVTDFNAIATCDWTNAGDYILANTCTERLKLFAAETLKATEETFKLSYGIATVREVLSD
RELHLSWEVGKPRPPLNRNYVFTGYRVTKNSKVQIGEYTFEKGDYGDAVVYRGTTTYKLNVGDYFVLTSHTVMPLSAPTL
VPQEHYVRITGLYPTLNISDEFSSNVANYQKVGMQKYSTLQGPPGTGKSHFAIGLALYYPSARIVYTACSHAAVDALCEK
ALKYLPIDKCSRIIPARARVECFDKFKVNSTLEQYVFCTVNALPETTADIVVFDEISMATNYDLSVVNARLRAKHYVYIG
DPAQLPAPRTLLTKGTLEPEYFNSVCRLMKTIGPDMFLGTCRRCPAEIVDTVSALVYDNKLKAHKDKSAQCFKMFYKGVI
THDVSSAINRPQIGVVREFLTRNPAWRKAVFISPYNSQNAVASKILGLPTQTVDSSQGSEYDYVIFTQTTETAHSCNVNR
FNVAITRAKVGILCIMSDRDLYDKLQFTSLEIPRRNVATLQ
;
_entity_poly.pdbx_strand_id   A,B
#
loop_
_chem_comp.id
_chem_comp.type
_chem_comp.name
_chem_comp.formula
PO4 non-polymer 'PHOSPHATE ION' 'O4 P -3'
VWV non-polymer 'ethyl (1,1-dioxo-1lambda~6~,4-thiazinan-4-yl)acetate' 'C8 H15 N O4 S'
ZN non-polymer 'ZINC ION' 'Zn 2'
#
# COMPACT_ATOMS: atom_id res chain seq x y z
N ALA A 1 8.01 14.84 -21.13
CA ALA A 1 9.18 15.67 -20.85
C ALA A 1 8.87 17.17 -20.83
N VAL A 2 7.65 17.53 -20.40
CA VAL A 2 7.27 18.93 -20.27
C VAL A 2 7.19 19.18 -18.78
N GLY A 3 8.30 19.60 -18.17
CA GLY A 3 8.30 19.77 -16.73
C GLY A 3 8.82 21.10 -16.24
N ALA A 4 8.99 21.20 -14.92
CA ALA A 4 9.45 22.43 -14.27
C ALA A 4 10.87 22.30 -13.71
N CYS A 5 11.68 23.36 -13.91
CA CYS A 5 13.07 23.49 -13.50
C CYS A 5 13.24 23.26 -12.00
N VAL A 6 14.23 22.44 -11.61
CA VAL A 6 14.48 22.18 -10.20
C VAL A 6 15.22 23.33 -9.51
N LEU A 7 15.50 24.46 -10.17
CA LEU A 7 16.22 25.58 -9.56
C LEU A 7 15.49 26.92 -9.61
N CYS A 8 14.61 27.09 -10.60
CA CYS A 8 13.85 28.34 -10.70
C CYS A 8 12.42 28.13 -11.24
N ASN A 9 11.94 26.86 -11.36
CA ASN A 9 10.59 26.44 -11.75
C ASN A 9 10.20 26.79 -13.19
N SER A 10 11.05 27.58 -13.89
CA SER A 10 10.83 27.99 -15.28
C SER A 10 10.65 26.77 -16.17
N GLN A 11 9.40 26.54 -16.66
CA GLN A 11 9.04 25.39 -17.51
C GLN A 11 10.09 25.12 -18.62
N THR A 12 10.42 23.83 -18.84
CA THR A 12 11.43 23.48 -19.85
C THR A 12 11.28 22.06 -20.38
N SER A 13 11.79 21.85 -21.59
CA SER A 13 11.91 20.55 -22.20
C SER A 13 13.27 19.91 -21.76
N LEU A 14 14.28 20.74 -21.35
CA LEU A 14 15.61 20.26 -20.95
C LEU A 14 15.63 19.53 -19.61
N ARG A 15 16.28 18.37 -19.58
CA ARG A 15 16.54 17.51 -18.41
C ARG A 15 18.02 17.17 -18.50
N CYS A 16 18.78 17.21 -17.38
CA CYS A 16 20.18 16.82 -17.44
C CYS A 16 20.22 15.30 -17.59
N GLY A 17 20.92 14.83 -18.60
CA GLY A 17 21.04 13.41 -18.88
C GLY A 17 22.15 12.73 -18.09
N ALA A 18 23.12 13.51 -17.60
CA ALA A 18 24.23 12.99 -16.80
C ALA A 18 23.88 12.82 -15.30
N CYS A 19 22.86 13.57 -14.83
CA CYS A 19 22.33 13.47 -13.47
C CYS A 19 21.62 12.16 -13.33
N ILE A 20 21.85 11.47 -12.20
CA ILE A 20 21.22 10.18 -11.89
C ILE A 20 19.66 10.34 -11.74
N ARG A 21 19.20 11.52 -11.32
CA ARG A 21 17.78 11.78 -11.15
C ARG A 21 17.13 12.47 -12.37
N ARG A 22 17.93 12.88 -13.41
CA ARG A 22 17.50 13.59 -14.63
C ARG A 22 16.59 14.78 -14.37
N PRO A 23 17.07 15.75 -13.57
CA PRO A 23 16.22 16.90 -13.24
C PRO A 23 15.90 17.78 -14.44
N PHE A 24 14.69 18.35 -14.46
CA PHE A 24 14.34 19.32 -15.49
C PHE A 24 15.12 20.60 -15.15
N LEU A 25 15.89 21.11 -16.13
CA LEU A 25 16.69 22.32 -16.00
C LEU A 25 16.25 23.31 -17.06
N CYS A 26 16.08 24.58 -16.67
CA CYS A 26 15.64 25.60 -17.63
C CYS A 26 16.77 25.99 -18.58
N CYS A 27 16.50 26.81 -19.61
CA CYS A 27 17.53 27.26 -20.55
C CYS A 27 18.75 27.91 -19.85
N LYS A 28 18.53 28.83 -18.90
CA LYS A 28 19.64 29.50 -18.21
C LYS A 28 20.35 28.61 -17.16
N CYS A 29 19.63 27.70 -16.48
CA CYS A 29 20.22 26.83 -15.45
C CYS A 29 20.92 25.58 -16.03
N CYS A 30 20.41 25.06 -17.14
CA CYS A 30 21.02 23.95 -17.86
C CYS A 30 22.44 24.35 -18.31
N TYR A 31 22.59 25.60 -18.77
CA TYR A 31 23.87 26.17 -19.17
C TYR A 31 24.85 26.22 -18.03
N ASP A 32 24.50 26.92 -16.91
CA ASP A 32 25.43 27.01 -15.77
C ASP A 32 25.78 25.64 -15.21
N HIS A 33 24.91 24.63 -15.44
CA HIS A 33 25.20 23.27 -15.01
C HIS A 33 26.25 22.61 -15.96
N VAL A 34 25.95 22.57 -17.28
CA VAL A 34 26.85 21.92 -18.22
C VAL A 34 28.21 22.59 -18.37
N ILE A 35 28.27 23.92 -18.25
CA ILE A 35 29.51 24.69 -18.38
C ILE A 35 30.44 24.61 -17.15
N SER A 36 29.92 24.18 -15.98
CA SER A 36 30.72 24.13 -14.76
C SER A 36 30.90 22.73 -14.17
N THR A 37 30.38 21.69 -14.83
CA THR A 37 30.48 20.29 -14.39
C THR A 37 30.87 19.35 -15.55
N SER A 38 31.27 18.10 -15.24
CA SER A 38 31.50 17.05 -16.25
C SER A 38 30.16 16.60 -16.94
N HIS A 39 29.01 17.08 -16.42
CA HIS A 39 27.71 16.74 -16.92
C HIS A 39 27.49 17.54 -18.22
N LYS A 40 27.46 16.84 -19.36
CA LYS A 40 27.30 17.52 -20.66
C LYS A 40 26.15 16.98 -21.50
N LEU A 41 25.53 15.84 -21.11
CA LEU A 41 24.43 15.30 -21.90
C LEU A 41 23.13 16.01 -21.53
N VAL A 42 22.42 16.59 -22.52
CA VAL A 42 21.14 17.29 -22.28
C VAL A 42 19.99 16.51 -22.98
N LEU A 43 18.85 16.27 -22.30
CA LEU A 43 17.72 15.51 -22.89
C LEU A 43 16.43 16.37 -23.00
N SER A 44 15.53 16.01 -23.93
CA SER A 44 14.21 16.63 -24.14
C SER A 44 13.31 15.52 -24.78
N VAL A 45 12.41 15.82 -25.79
CA VAL A 45 11.66 14.73 -26.46
C VAL A 45 12.66 13.77 -27.16
N ASN A 46 13.76 14.38 -27.68
CA ASN A 46 14.94 13.79 -28.32
C ASN A 46 16.22 14.33 -27.59
N PRO A 47 17.25 13.49 -27.42
CA PRO A 47 18.46 13.95 -26.73
C PRO A 47 19.32 14.84 -27.59
N TYR A 48 20.17 15.62 -26.95
CA TYR A 48 21.09 16.48 -27.65
C TYR A 48 22.29 15.65 -27.98
N VAL A 49 22.19 14.98 -29.11
CA VAL A 49 23.20 14.10 -29.70
C VAL A 49 23.31 14.45 -31.20
N CYS A 50 24.50 14.26 -31.80
CA CYS A 50 24.67 14.54 -33.22
C CYS A 50 23.87 13.55 -34.05
N ASN A 51 23.04 14.11 -34.95
CA ASN A 51 22.16 13.37 -35.83
C ASN A 51 22.89 12.71 -37.01
N ALA A 52 24.14 13.12 -37.30
CA ALA A 52 24.92 12.53 -38.39
C ALA A 52 25.18 11.06 -38.06
N PRO A 53 24.95 10.17 -39.04
CA PRO A 53 25.10 8.73 -38.79
C PRO A 53 26.47 8.29 -38.24
N GLY A 54 26.44 7.43 -37.21
CA GLY A 54 27.64 6.89 -36.59
C GLY A 54 28.47 7.89 -35.80
N CYS A 55 27.93 9.09 -35.55
CA CYS A 55 28.65 10.11 -34.82
C CYS A 55 28.37 10.03 -33.35
N ASP A 56 29.43 10.03 -32.51
CA ASP A 56 29.30 9.91 -31.06
C ASP A 56 29.49 11.23 -30.28
N VAL A 57 29.10 12.39 -30.85
CA VAL A 57 29.20 13.66 -30.12
C VAL A 57 27.90 13.90 -29.36
N THR A 58 27.97 13.88 -28.00
CA THR A 58 26.84 14.08 -27.07
C THR A 58 27.01 15.30 -26.15
N ASP A 59 28.22 15.91 -26.12
CA ASP A 59 28.53 17.09 -25.31
C ASP A 59 27.76 18.27 -25.93
N VAL A 60 26.81 18.86 -25.16
CA VAL A 60 25.94 19.98 -25.60
C VAL A 60 26.74 21.27 -26.00
N THR A 61 27.96 21.44 -25.46
CA THR A 61 28.82 22.59 -25.80
C THR A 61 29.47 22.44 -27.19
N GLN A 62 29.58 21.19 -27.68
CA GLN A 62 30.10 20.85 -28.99
C GLN A 62 28.98 20.62 -30.01
N LEU A 63 27.71 20.98 -29.70
CA LEU A 63 26.57 20.77 -30.60
C LEU A 63 25.85 22.07 -31.03
N TYR A 64 25.13 21.99 -32.18
CA TYR A 64 24.45 23.07 -32.89
C TYR A 64 23.08 22.62 -33.44
N LEU A 65 22.17 23.60 -33.70
CA LEU A 65 20.84 23.37 -34.28
C LEU A 65 20.87 23.62 -35.81
N GLY A 66 20.86 22.52 -36.57
CA GLY A 66 20.84 22.57 -38.02
C GLY A 66 19.41 22.44 -38.52
N GLY A 67 18.66 23.52 -38.36
CA GLY A 67 17.25 23.57 -38.74
C GLY A 67 16.36 22.96 -37.67
N MET A 68 16.03 21.69 -37.84
CA MET A 68 15.21 20.97 -36.86
C MET A 68 15.98 19.89 -36.08
N SER A 69 17.23 19.54 -36.52
CA SER A 69 18.08 18.52 -35.89
C SER A 69 19.34 19.10 -35.21
N TYR A 70 20.12 18.25 -34.54
CA TYR A 70 21.30 18.69 -33.82
C TYR A 70 22.52 18.02 -34.42
N TYR A 71 23.60 18.78 -34.60
CA TYR A 71 24.86 18.29 -35.19
C TYR A 71 26.07 18.86 -34.48
N CYS A 72 27.19 18.15 -34.48
CA CYS A 72 28.43 18.66 -33.89
C CYS A 72 29.11 19.72 -34.81
N LYS A 73 30.32 20.21 -34.44
CA LYS A 73 31.05 21.19 -35.25
C LYS A 73 31.45 20.59 -36.62
N SER A 74 31.72 19.25 -36.66
CA SER A 74 32.13 18.49 -37.86
C SER A 74 30.95 18.09 -38.80
N HIS A 75 29.70 18.24 -38.35
CA HIS A 75 28.57 17.83 -39.18
C HIS A 75 27.51 18.89 -39.41
N LYS A 76 27.60 20.01 -38.72
CA LYS A 76 26.60 21.06 -38.84
C LYS A 76 26.50 21.67 -40.26
N PRO A 77 25.27 22.02 -40.69
CA PRO A 77 25.14 22.71 -41.98
C PRO A 77 25.56 24.19 -41.86
N PRO A 78 25.74 24.94 -42.97
CA PRO A 78 26.14 26.36 -42.84
C PRO A 78 25.23 27.20 -41.91
N ILE A 79 23.91 27.02 -42.03
CA ILE A 79 22.93 27.72 -41.20
C ILE A 79 22.63 26.86 -39.95
N SER A 80 23.52 27.00 -38.94
CA SER A 80 23.50 26.30 -37.66
C SER A 80 23.95 27.22 -36.50
N PHE A 81 23.11 27.25 -35.49
CA PHE A 81 23.23 28.03 -34.27
C PHE A 81 23.73 27.13 -33.16
N PRO A 82 24.72 27.52 -32.33
CA PRO A 82 25.13 26.64 -31.21
C PRO A 82 24.03 26.44 -30.14
N LEU A 83 24.00 25.25 -29.52
CA LEU A 83 23.05 24.99 -28.46
C LEU A 83 23.43 25.83 -27.23
N CYS A 84 24.75 26.01 -26.98
CA CYS A 84 25.23 26.80 -25.87
C CYS A 84 25.72 28.19 -26.30
N ALA A 85 24.96 29.22 -25.93
CA ALA A 85 25.27 30.61 -26.29
C ALA A 85 24.54 31.56 -25.37
N ASN A 86 25.17 32.70 -25.02
CA ASN A 86 24.58 33.73 -24.17
C ASN A 86 24.04 33.23 -22.82
N GLY A 87 24.77 32.30 -22.22
CA GLY A 87 24.41 31.72 -20.93
C GLY A 87 23.17 30.85 -20.94
N GLN A 88 22.81 30.32 -22.12
CA GLN A 88 21.63 29.48 -22.26
C GLN A 88 21.86 28.26 -23.12
N VAL A 89 21.05 27.22 -22.90
CA VAL A 89 21.04 25.98 -23.70
C VAL A 89 19.73 26.02 -24.46
N PHE A 90 19.79 25.85 -25.79
CA PHE A 90 18.59 25.95 -26.62
C PHE A 90 17.52 24.96 -26.23
N GLY A 91 16.31 25.43 -26.05
CA GLY A 91 15.18 24.60 -25.69
C GLY A 91 13.88 25.37 -25.63
N LEU A 92 12.77 24.66 -25.44
CA LEU A 92 11.46 25.29 -25.33
C LEU A 92 11.40 26.23 -24.12
N TYR A 93 10.59 27.30 -24.26
CA TYR A 93 10.31 28.30 -23.22
C TYR A 93 11.55 29.12 -22.80
N LYS A 94 12.35 29.55 -23.78
CA LYS A 94 13.55 30.36 -23.57
C LYS A 94 13.20 31.78 -23.11
N VAL A 103 23.22 28.15 -8.05
CA VAL A 103 23.35 26.97 -8.90
C VAL A 103 24.72 26.27 -8.69
N THR A 104 25.71 26.95 -8.05
CA THR A 104 26.97 26.35 -7.57
C THR A 104 26.64 25.13 -6.62
N ASP A 105 25.60 25.28 -5.80
CA ASP A 105 25.11 24.26 -4.88
C ASP A 105 24.42 23.10 -5.62
N PHE A 106 23.69 23.39 -6.70
CA PHE A 106 23.05 22.35 -7.51
C PHE A 106 24.14 21.46 -8.13
N ASN A 107 25.26 22.07 -8.57
CA ASN A 107 26.37 21.37 -9.21
C ASN A 107 27.05 20.42 -8.23
N ALA A 108 27.26 20.88 -6.98
CA ALA A 108 27.89 20.06 -5.98
C ALA A 108 27.02 18.89 -5.55
N ILE A 109 25.70 19.08 -5.51
CA ILE A 109 24.75 18.01 -5.17
C ILE A 109 24.64 16.98 -6.32
N ALA A 110 24.65 17.48 -7.58
CA ALA A 110 24.52 16.65 -8.79
C ALA A 110 25.74 15.76 -9.01
N THR A 111 26.95 16.26 -8.66
CA THR A 111 28.20 15.54 -8.91
C THR A 111 28.93 14.90 -7.70
N CYS A 112 28.47 15.14 -6.47
CA CYS A 112 29.13 14.55 -5.31
C CYS A 112 28.86 13.04 -5.15
N ASP A 113 29.78 12.31 -4.50
CA ASP A 113 29.61 10.87 -4.29
C ASP A 113 28.97 10.51 -2.91
N TRP A 114 28.58 11.54 -2.11
CA TRP A 114 27.96 11.46 -0.78
C TRP A 114 28.80 10.76 0.27
N THR A 115 30.13 10.74 0.09
CA THR A 115 31.02 10.11 1.05
C THR A 115 31.58 11.11 2.07
N ASN A 116 31.41 12.41 1.84
CA ASN A 116 31.90 13.48 2.70
C ASN A 116 30.78 14.10 3.50
N ALA A 117 31.09 14.67 4.67
CA ALA A 117 30.08 15.35 5.51
C ALA A 117 29.59 16.64 4.85
N GLY A 118 30.48 17.34 4.14
CA GLY A 118 30.18 18.58 3.42
C GLY A 118 29.08 18.43 2.38
N ASP A 119 28.83 17.18 1.91
CA ASP A 119 27.78 16.81 0.96
C ASP A 119 26.41 16.90 1.61
N TYR A 120 26.34 16.43 2.87
CA TYR A 120 25.14 16.43 3.70
C TYR A 120 24.87 17.81 4.28
N ILE A 121 25.93 18.59 4.55
CA ILE A 121 25.81 19.97 5.03
C ILE A 121 25.07 20.81 4.01
N LEU A 122 25.50 20.68 2.75
CA LEU A 122 24.90 21.35 1.61
C LEU A 122 23.48 20.88 1.34
N ALA A 123 23.23 19.56 1.39
CA ALA A 123 21.88 19.02 1.18
C ALA A 123 20.84 19.57 2.22
N ASN A 124 21.31 20.28 3.25
CA ASN A 124 20.49 20.81 4.35
C ASN A 124 20.54 22.34 4.48
N THR A 125 21.56 22.97 3.90
CA THR A 125 21.64 24.43 3.88
C THR A 125 21.11 25.03 2.55
N CYS A 126 20.85 24.19 1.54
CA CYS A 126 20.40 24.65 0.25
C CYS A 126 18.89 25.03 0.23
N THR A 127 18.37 25.53 -0.89
CA THR A 127 16.96 25.85 -1.02
C THR A 127 16.11 24.58 -0.88
N GLU A 128 14.82 24.76 -0.65
CA GLU A 128 13.90 23.64 -0.49
C GLU A 128 13.85 22.65 -1.68
N ARG A 129 13.75 23.16 -2.94
CA ARG A 129 13.72 22.25 -4.09
C ARG A 129 15.04 21.46 -4.20
N LEU A 130 16.18 22.09 -3.78
CA LEU A 130 17.49 21.42 -3.78
C LEU A 130 17.64 20.40 -2.67
N LYS A 131 16.86 20.52 -1.61
CA LYS A 131 16.85 19.55 -0.54
C LYS A 131 16.15 18.29 -1.06
N LEU A 132 15.06 18.42 -1.87
CA LEU A 132 14.37 17.25 -2.40
C LEU A 132 15.23 16.56 -3.47
N PHE A 133 15.94 17.37 -4.31
CA PHE A 133 16.84 16.85 -5.34
C PHE A 133 17.97 16.10 -4.65
N ALA A 134 18.56 16.73 -3.59
CA ALA A 134 19.61 16.13 -2.77
C ALA A 134 19.16 14.83 -2.12
N ALA A 135 17.93 14.78 -1.60
CA ALA A 135 17.41 13.59 -0.95
C ALA A 135 17.12 12.43 -1.90
N GLU A 136 16.62 12.69 -3.14
CA GLU A 136 16.38 11.61 -4.11
C GLU A 136 17.74 11.12 -4.62
N THR A 137 18.65 12.07 -4.94
CA THR A 137 19.98 11.79 -5.48
C THR A 137 20.77 10.91 -4.50
N LEU A 138 20.74 11.28 -3.20
CA LEU A 138 21.43 10.55 -2.16
C LEU A 138 20.83 9.16 -2.01
N LYS A 139 19.50 9.07 -1.92
CA LYS A 139 18.86 7.77 -1.74
C LYS A 139 19.08 6.85 -2.93
N ALA A 140 19.11 7.41 -4.14
CA ALA A 140 19.37 6.64 -5.34
C ALA A 140 20.82 6.14 -5.34
N THR A 141 21.76 7.00 -4.88
CA THR A 141 23.18 6.66 -4.76
C THR A 141 23.38 5.50 -3.76
N GLU A 142 22.69 5.61 -2.61
CA GLU A 142 22.71 4.63 -1.55
C GLU A 142 22.15 3.30 -2.03
N GLU A 143 21.12 3.33 -2.90
CA GLU A 143 20.50 2.10 -3.42
C GLU A 143 21.36 1.41 -4.48
N THR A 144 22.00 2.17 -5.38
CA THR A 144 22.91 1.57 -6.36
C THR A 144 24.20 1.05 -5.68
N PHE A 145 24.57 1.61 -4.49
CA PHE A 145 25.73 1.13 -3.75
C PHE A 145 25.48 -0.29 -3.13
N LYS A 146 24.19 -0.62 -2.91
CA LYS A 146 23.77 -1.93 -2.40
C LYS A 146 24.08 -3.04 -3.42
N LEU A 147 24.12 -2.71 -4.72
CA LEU A 147 24.42 -3.69 -5.77
C LEU A 147 25.90 -4.08 -5.76
N SER A 148 26.80 -3.19 -5.24
CA SER A 148 28.25 -3.40 -5.22
C SER A 148 28.68 -4.60 -4.35
N TYR A 149 27.87 -4.93 -3.34
CA TYR A 149 28.17 -6.01 -2.43
C TYR A 149 27.94 -7.39 -3.05
N GLY A 150 28.70 -8.37 -2.58
CA GLY A 150 28.62 -9.74 -3.07
C GLY A 150 27.51 -10.55 -2.43
N ILE A 151 27.01 -11.56 -3.16
CA ILE A 151 25.95 -12.49 -2.76
C ILE A 151 26.50 -13.48 -1.70
N ALA A 152 25.72 -13.75 -0.64
CA ALA A 152 26.11 -14.72 0.40
C ALA A 152 25.24 -15.97 0.22
N THR A 153 25.85 -17.15 0.10
CA THR A 153 25.12 -18.39 -0.11
C THR A 153 25.32 -19.32 1.11
N VAL A 154 24.26 -20.01 1.55
CA VAL A 154 24.35 -20.91 2.71
C VAL A 154 25.27 -22.09 2.37
N ARG A 155 26.41 -22.19 3.05
CA ARG A 155 27.34 -23.29 2.83
C ARG A 155 26.95 -24.51 3.71
N GLU A 156 26.75 -24.30 5.04
CA GLU A 156 26.32 -25.36 5.95
C GLU A 156 25.35 -24.85 7.05
N VAL A 157 24.29 -25.62 7.33
CA VAL A 157 23.32 -25.26 8.36
C VAL A 157 23.66 -26.05 9.61
N LEU A 158 24.06 -25.35 10.69
CA LEU A 158 24.43 -26.03 11.93
C LEU A 158 23.19 -26.31 12.81
N SER A 159 22.39 -25.27 13.06
CA SER A 159 21.22 -25.37 13.92
C SER A 159 20.08 -24.43 13.42
N ASP A 160 19.13 -24.08 14.30
CA ASP A 160 18.03 -23.16 14.04
C ASP A 160 18.43 -21.66 14.27
N ARG A 161 19.68 -21.40 14.70
CA ARG A 161 20.20 -20.06 14.97
C ARG A 161 21.70 -19.91 14.65
N GLU A 162 22.32 -20.85 13.93
CA GLU A 162 23.73 -20.76 13.55
C GLU A 162 24.00 -21.35 12.15
N LEU A 163 24.72 -20.62 11.27
CA LEU A 163 25.08 -21.13 9.95
C LEU A 163 26.50 -20.67 9.49
N HIS A 164 27.00 -21.22 8.36
CA HIS A 164 28.30 -20.87 7.78
C HIS A 164 28.07 -20.39 6.33
N LEU A 165 28.49 -19.15 6.00
CA LEU A 165 28.26 -18.53 4.70
C LEU A 165 29.45 -18.58 3.71
N SER A 166 29.12 -18.70 2.41
CA SER A 166 30.05 -18.72 1.28
C SER A 166 29.82 -17.40 0.51
N TRP A 167 30.82 -16.51 0.46
CA TRP A 167 30.65 -15.19 -0.18
C TRP A 167 31.11 -15.09 -1.62
N GLU A 168 30.53 -14.15 -2.38
CA GLU A 168 30.86 -13.94 -3.78
C GLU A 168 32.25 -13.31 -3.89
N VAL A 169 33.08 -13.86 -4.79
CA VAL A 169 34.45 -13.41 -5.01
C VAL A 169 34.46 -12.16 -5.92
N GLY A 170 35.34 -11.22 -5.63
CA GLY A 170 35.47 -10.00 -6.42
C GLY A 170 34.66 -8.83 -5.93
N LYS A 171 33.54 -9.10 -5.25
CA LYS A 171 32.69 -8.04 -4.71
C LYS A 171 32.84 -7.97 -3.20
N PRO A 172 32.96 -6.76 -2.62
CA PRO A 172 33.13 -6.65 -1.17
C PRO A 172 31.98 -7.24 -0.36
N ARG A 173 32.28 -7.54 0.92
CA ARG A 173 31.33 -8.13 1.84
C ARG A 173 30.70 -7.02 2.69
N PRO A 174 29.37 -6.88 2.71
CA PRO A 174 28.75 -5.83 3.53
C PRO A 174 28.95 -6.08 5.02
N PRO A 175 29.08 -5.03 5.85
CA PRO A 175 29.32 -5.25 7.29
C PRO A 175 28.29 -6.10 8.03
N LEU A 176 28.71 -7.24 8.62
CA LEU A 176 27.76 -8.12 9.32
C LEU A 176 27.33 -7.63 10.69
N ASN A 177 26.19 -6.94 10.69
CA ASN A 177 25.52 -6.41 11.87
C ASN A 177 24.01 -6.29 11.56
N ARG A 178 23.20 -5.94 12.56
CA ARG A 178 21.75 -5.80 12.37
C ARG A 178 21.37 -4.63 11.45
N ASN A 179 22.32 -3.71 11.14
CA ASN A 179 22.10 -2.55 10.27
C ASN A 179 21.76 -3.00 8.83
N TYR A 180 22.34 -4.11 8.39
CA TYR A 180 22.16 -4.62 7.03
C TYR A 180 21.16 -5.78 6.93
N VAL A 181 19.98 -5.52 6.30
CA VAL A 181 18.97 -6.57 6.16
C VAL A 181 18.93 -7.15 4.75
N PHE A 182 19.28 -8.43 4.67
CA PHE A 182 19.30 -9.17 3.41
C PHE A 182 17.91 -9.67 3.06
N THR A 183 17.75 -10.20 1.83
CA THR A 183 16.53 -10.84 1.36
C THR A 183 16.95 -12.25 0.91
N GLY A 184 16.37 -13.27 1.53
CA GLY A 184 16.69 -14.66 1.22
C GLY A 184 15.95 -15.14 -0.02
N TYR A 185 16.53 -16.14 -0.75
CA TYR A 185 15.97 -16.65 -1.99
C TYR A 185 16.20 -18.16 -2.15
N GLN A 194 12.37 -16.12 -2.47
CA GLN A 194 11.90 -14.99 -1.64
C GLN A 194 11.54 -15.51 -0.24
N ILE A 195 12.44 -16.31 0.35
CA ILE A 195 12.26 -16.99 1.65
C ILE A 195 12.28 -16.04 2.90
N GLY A 196 12.03 -14.74 2.68
CA GLY A 196 11.96 -13.76 3.76
C GLY A 196 13.25 -13.02 4.05
N GLU A 197 13.13 -11.85 4.71
CA GLU A 197 14.31 -11.06 5.06
C GLU A 197 15.12 -11.76 6.17
N TYR A 198 16.44 -11.66 6.11
CA TYR A 198 17.32 -12.30 7.09
C TYR A 198 18.42 -11.31 7.59
N THR A 199 18.98 -11.55 8.78
CA THR A 199 20.06 -10.75 9.39
C THR A 199 21.14 -11.65 10.05
N PHE A 200 22.41 -11.15 10.18
CA PHE A 200 23.52 -11.94 10.79
C PHE A 200 24.42 -11.21 11.81
N GLU A 201 24.98 -11.98 12.77
CA GLU A 201 25.91 -11.51 13.81
C GLU A 201 27.06 -12.54 13.90
N LYS A 202 28.32 -12.09 13.93
CA LYS A 202 29.47 -13.01 14.02
C LYS A 202 29.61 -13.66 15.41
N ASP A 207 34.57 -19.13 12.98
CA ASP A 207 33.70 -18.77 11.86
C ASP A 207 32.20 -19.01 12.19
N ALA A 208 31.82 -18.95 13.48
CA ALA A 208 30.44 -19.18 13.92
C ALA A 208 29.52 -17.95 13.82
N VAL A 209 28.72 -17.87 12.73
CA VAL A 209 27.75 -16.78 12.46
C VAL A 209 26.29 -17.18 12.82
N VAL A 210 25.56 -16.25 13.44
CA VAL A 210 24.18 -16.41 13.90
C VAL A 210 23.22 -15.89 12.77
N TYR A 211 22.20 -16.69 12.35
CA TYR A 211 21.25 -16.29 11.28
C TYR A 211 19.81 -16.05 11.80
N ARG A 212 19.22 -14.88 11.47
CA ARG A 212 17.88 -14.55 11.97
C ARG A 212 16.92 -14.15 10.86
N GLY A 213 15.95 -15.02 10.60
CA GLY A 213 14.97 -14.79 9.56
C GLY A 213 13.64 -14.25 10.02
N THR A 214 13.22 -13.13 9.42
CA THR A 214 11.93 -12.50 9.66
C THR A 214 10.76 -13.49 9.51
N THR A 215 10.96 -14.56 8.72
CA THR A 215 10.02 -15.65 8.50
C THR A 215 10.76 -16.95 8.88
N THR A 216 10.14 -17.85 9.66
CA THR A 216 10.79 -19.10 10.06
C THR A 216 10.85 -20.14 8.95
N TYR A 217 12.01 -20.28 8.31
CA TYR A 217 12.17 -21.25 7.24
C TYR A 217 13.30 -22.21 7.55
N LYS A 218 13.09 -23.51 7.23
CA LYS A 218 14.09 -24.55 7.44
C LYS A 218 15.24 -24.27 6.48
N LEU A 219 16.31 -23.60 6.98
CA LEU A 219 17.48 -23.18 6.21
C LEU A 219 18.04 -24.24 5.26
N ASN A 220 18.02 -23.96 3.95
CA ASN A 220 18.53 -24.88 2.95
C ASN A 220 19.88 -24.39 2.45
N VAL A 221 20.79 -25.32 2.20
CA VAL A 221 22.11 -25.03 1.64
C VAL A 221 21.92 -24.69 0.14
N GLY A 222 22.58 -23.63 -0.34
CA GLY A 222 22.42 -23.19 -1.72
C GLY A 222 21.53 -21.97 -1.86
N ASP A 223 20.61 -21.81 -0.90
CA ASP A 223 19.74 -20.65 -0.90
C ASP A 223 20.61 -19.45 -0.48
N TYR A 224 20.47 -18.32 -1.18
CA TYR A 224 21.32 -17.15 -1.03
C TYR A 224 20.59 -15.89 -0.47
N PHE A 225 21.36 -14.88 -0.07
CA PHE A 225 20.83 -13.64 0.48
C PHE A 225 21.38 -12.44 -0.32
N VAL A 226 20.53 -11.41 -0.60
CA VAL A 226 20.92 -10.21 -1.35
C VAL A 226 20.26 -8.95 -0.69
N LEU A 227 21.02 -7.86 -0.43
CA LEU A 227 20.47 -6.65 0.19
C LEU A 227 19.35 -6.02 -0.63
N THR A 228 18.19 -5.81 0.01
CA THR A 228 16.99 -5.24 -0.58
C THR A 228 17.18 -3.83 -1.16
N SER A 229 17.53 -3.76 -2.43
CA SER A 229 17.71 -2.47 -3.09
C SER A 229 16.36 -2.03 -3.68
N HIS A 230 15.65 -1.14 -2.98
CA HIS A 230 14.35 -0.68 -3.47
C HIS A 230 14.47 0.56 -4.34
N THR A 231 13.54 0.71 -5.27
CA THR A 231 13.43 1.82 -6.22
C THR A 231 13.22 3.13 -5.44
N VAL A 232 13.99 4.19 -5.77
CA VAL A 232 13.84 5.50 -5.12
C VAL A 232 12.82 6.30 -5.88
N MET A 233 11.70 6.58 -5.24
CA MET A 233 10.64 7.36 -5.85
C MET A 233 10.96 8.84 -5.79
N PRO A 234 10.47 9.63 -6.75
CA PRO A 234 10.73 11.07 -6.70
C PRO A 234 9.93 11.75 -5.58
N LEU A 235 10.46 12.87 -5.10
CA LEU A 235 9.87 13.66 -4.04
C LEU A 235 9.17 14.86 -4.65
N SER A 236 7.91 15.11 -4.23
CA SER A 236 7.10 16.24 -4.69
C SER A 236 6.90 17.28 -3.60
N ALA A 237 6.50 16.81 -2.40
CA ALA A 237 6.24 17.64 -1.22
C ALA A 237 7.54 18.13 -0.51
N PRO A 238 7.55 19.38 0.05
CA PRO A 238 8.75 19.86 0.76
C PRO A 238 9.06 19.05 2.04
N THR A 239 10.24 19.26 2.64
CA THR A 239 10.61 18.56 3.90
C THR A 239 9.75 19.09 5.06
N LEU A 240 9.54 20.40 5.04
CA LEU A 240 8.73 21.20 5.94
C LEU A 240 7.76 22.00 5.09
N VAL A 241 6.47 22.01 5.42
CA VAL A 241 5.52 22.87 4.70
C VAL A 241 5.87 24.35 5.06
N PRO A 242 5.40 25.38 4.31
CA PRO A 242 5.71 26.77 4.71
C PRO A 242 5.03 27.04 6.07
N GLN A 243 5.76 27.71 6.97
CA GLN A 243 5.21 27.99 8.29
C GLN A 243 4.01 28.93 8.24
N GLU A 244 3.00 28.64 9.06
CA GLU A 244 1.82 29.48 9.22
C GLU A 244 1.66 29.76 10.70
N HIS A 245 1.50 31.02 11.06
CA HIS A 245 1.25 31.38 12.43
C HIS A 245 -0.15 31.91 12.50
N TYR A 246 -0.89 31.47 13.50
CA TYR A 246 -2.28 31.88 13.67
C TYR A 246 -2.46 32.67 14.96
N VAL A 247 -3.55 33.46 15.02
CA VAL A 247 -3.87 34.26 16.20
C VAL A 247 -4.77 33.49 17.19
N ARG A 248 -5.47 32.45 16.71
CA ARG A 248 -6.34 31.55 17.47
C ARG A 248 -5.95 30.11 17.14
N ILE A 249 -6.35 29.15 18.00
CA ILE A 249 -6.17 27.72 17.73
C ILE A 249 -7.10 27.40 16.55
N THR A 250 -6.50 26.88 15.49
CA THR A 250 -7.15 26.64 14.22
C THR A 250 -7.53 25.17 13.98
N GLY A 251 -8.78 24.90 13.63
CA GLY A 251 -9.29 23.56 13.30
C GLY A 251 -9.26 22.51 14.39
N LEU A 252 -8.85 22.92 15.58
CA LEU A 252 -8.75 22.03 16.71
C LEU A 252 -9.64 22.57 17.83
N TYR A 253 -10.29 21.66 18.56
CA TYR A 253 -11.20 22.02 19.64
C TYR A 253 -10.71 21.46 20.98
N PRO A 254 -10.17 22.35 21.85
CA PRO A 254 -9.62 21.89 23.14
C PRO A 254 -10.63 21.50 24.23
N THR A 255 -10.20 20.74 25.25
CA THR A 255 -11.07 20.46 26.40
C THR A 255 -10.80 21.51 27.47
N LEU A 256 -11.85 21.89 28.17
CA LEU A 256 -11.74 22.79 29.33
C LEU A 256 -11.37 21.92 30.57
N ASN A 257 -11.85 20.66 30.57
CA ASN A 257 -11.62 19.59 31.50
C ASN A 257 -10.39 18.83 30.94
N ILE A 258 -9.16 19.29 31.29
CA ILE A 258 -7.91 18.66 30.82
C ILE A 258 -7.17 17.99 31.99
N SER A 259 -7.04 16.63 31.97
CA SER A 259 -6.39 15.82 33.02
C SER A 259 -5.14 16.47 33.63
N ASP A 260 -5.11 16.62 34.96
CA ASP A 260 -4.00 17.24 35.71
C ASP A 260 -2.63 16.65 35.36
N GLU A 261 -2.62 15.39 34.90
CA GLU A 261 -1.45 14.63 34.47
C GLU A 261 -0.72 15.37 33.32
N PHE A 262 -1.51 15.95 32.37
CA PHE A 262 -1.11 16.67 31.15
C PHE A 262 -1.17 18.18 31.24
N SER A 263 -1.42 18.73 32.43
CA SER A 263 -1.51 20.18 32.67
C SER A 263 -0.19 20.92 32.37
N SER A 264 0.96 20.25 32.53
CA SER A 264 2.26 20.89 32.27
C SER A 264 2.46 21.22 30.78
N ASN A 265 1.72 20.54 29.89
CA ASN A 265 1.85 20.77 28.47
C ASN A 265 0.68 21.55 27.85
N VAL A 266 -0.23 22.14 28.64
CA VAL A 266 -1.37 22.87 28.08
C VAL A 266 -0.93 24.09 27.23
N ALA A 267 0.06 24.88 27.71
CA ALA A 267 0.55 26.02 26.95
C ALA A 267 1.24 25.56 25.64
N ASN A 268 1.89 24.39 25.68
CA ASN A 268 2.56 23.81 24.52
C ASN A 268 1.54 23.25 23.50
N TYR A 269 0.47 22.56 23.97
CA TYR A 269 -0.60 22.06 23.09
C TYR A 269 -1.32 23.22 22.41
N GLN A 270 -1.36 24.40 23.05
CA GLN A 270 -1.99 25.58 22.45
C GLN A 270 -1.07 26.15 21.39
N LYS A 271 0.26 26.19 21.63
CA LYS A 271 1.26 26.62 20.65
C LYS A 271 1.13 25.74 19.37
N VAL A 272 0.85 24.42 19.56
CA VAL A 272 0.60 23.45 18.49
C VAL A 272 -0.63 23.86 17.59
N GLY A 273 -1.71 24.39 18.18
CA GLY A 273 -2.88 24.82 17.43
C GLY A 273 -2.79 26.19 16.80
N MET A 274 -1.78 26.97 17.18
CA MET A 274 -1.55 28.33 16.71
C MET A 274 -0.39 28.51 15.73
N GLN A 275 0.11 27.39 15.18
CA GLN A 275 1.20 27.27 14.21
C GLN A 275 0.88 26.08 13.27
N LYS A 276 1.27 26.13 11.98
CA LYS A 276 1.07 25.03 11.03
C LYS A 276 1.90 23.83 11.54
N TYR A 277 3.19 24.05 11.78
CA TYR A 277 4.05 23.02 12.33
C TYR A 277 4.77 23.58 13.57
N SER A 278 5.17 22.69 14.44
CA SER A 278 5.90 23.04 15.66
C SER A 278 6.96 21.98 15.97
N THR A 279 8.09 22.41 16.57
CA THR A 279 9.18 21.52 16.97
C THR A 279 9.24 21.36 18.50
N LEU A 280 9.44 20.12 18.94
CA LEU A 280 9.57 19.83 20.36
C LEU A 280 10.92 19.12 20.62
N GLN A 281 11.86 19.82 21.28
CA GLN A 281 13.11 19.19 21.70
C GLN A 281 12.84 18.58 23.09
N GLY A 282 12.92 17.26 23.15
CA GLY A 282 12.69 16.55 24.37
C GLY A 282 13.87 15.66 24.69
N PRO A 283 14.79 16.15 25.57
CA PRO A 283 15.89 15.31 26.05
C PRO A 283 15.40 13.95 26.61
N PRO A 284 16.28 12.99 26.90
CA PRO A 284 15.80 11.69 27.39
C PRO A 284 14.95 11.79 28.65
N GLY A 285 13.83 11.07 28.67
CA GLY A 285 12.95 10.99 29.83
C GLY A 285 12.29 12.27 30.27
N THR A 286 12.10 13.20 29.35
CA THR A 286 11.46 14.49 29.64
C THR A 286 9.94 14.51 29.35
N GLY A 287 9.40 13.41 28.82
CA GLY A 287 7.99 13.28 28.56
C GLY A 287 7.52 13.49 27.14
N LYS A 288 8.30 13.02 26.13
CA LYS A 288 7.92 13.16 24.73
C LYS A 288 6.67 12.32 24.40
N SER A 289 6.65 11.02 24.75
CA SER A 289 5.52 10.15 24.48
C SER A 289 4.26 10.63 25.22
N HIS A 290 4.45 11.15 26.44
CA HIS A 290 3.39 11.67 27.30
C HIS A 290 2.80 12.94 26.65
N PHE A 291 3.67 13.81 26.11
CA PHE A 291 3.26 15.01 25.42
C PHE A 291 2.47 14.62 24.13
N ALA A 292 3.01 13.68 23.36
CA ALA A 292 2.37 13.21 22.13
C ALA A 292 0.98 12.63 22.37
N ILE A 293 0.82 11.79 23.41
CA ILE A 293 -0.49 11.17 23.69
C ILE A 293 -1.46 12.16 24.36
N GLY A 294 -0.93 13.04 25.21
CA GLY A 294 -1.70 14.08 25.88
C GLY A 294 -2.24 15.17 24.97
N LEU A 295 -1.68 15.29 23.79
CA LEU A 295 -2.15 16.20 22.78
C LEU A 295 -3.52 15.69 22.24
N ALA A 296 -3.74 14.35 22.24
CA ALA A 296 -4.99 13.69 21.83
C ALA A 296 -6.07 13.91 22.87
N LEU A 297 -5.70 13.90 24.15
CA LEU A 297 -6.62 14.17 25.24
C LEU A 297 -7.00 15.68 25.26
N TYR A 298 -6.06 16.55 24.89
CA TYR A 298 -6.31 17.98 24.82
C TYR A 298 -7.17 18.37 23.62
N TYR A 299 -6.97 17.76 22.44
CA TYR A 299 -7.85 18.02 21.28
C TYR A 299 -8.56 16.70 21.07
N PRO A 300 -9.59 16.44 21.90
CA PRO A 300 -10.17 15.09 21.95
C PRO A 300 -11.00 14.64 20.76
N SER A 301 -11.45 15.57 19.92
CA SER A 301 -12.21 15.25 18.70
C SER A 301 -11.27 15.14 17.45
N ALA A 302 -10.03 15.65 17.57
CA ALA A 302 -9.02 15.64 16.53
C ALA A 302 -8.51 14.24 16.15
N ARG A 303 -8.45 13.98 14.85
CA ARG A 303 -7.92 12.76 14.27
C ARG A 303 -6.38 12.94 14.22
N ILE A 304 -5.64 12.08 14.95
CA ILE A 304 -4.19 12.18 14.99
C ILE A 304 -3.51 10.99 14.36
N VAL A 305 -2.59 11.26 13.44
CA VAL A 305 -1.76 10.23 12.86
C VAL A 305 -0.38 10.35 13.51
N TYR A 306 0.05 9.27 14.16
CA TYR A 306 1.32 9.16 14.86
C TYR A 306 2.25 8.42 13.95
N THR A 307 3.39 9.03 13.63
CA THR A 307 4.36 8.46 12.71
C THR A 307 5.80 8.59 13.25
N ALA A 308 6.65 7.67 12.81
CA ALA A 308 8.09 7.57 13.12
C ALA A 308 8.77 6.67 12.06
N CYS A 309 10.09 6.74 11.92
CA CYS A 309 10.78 5.94 10.92
C CYS A 309 10.79 4.46 11.29
N SER A 310 11.08 4.16 12.56
CA SER A 310 11.16 2.77 13.01
C SER A 310 9.86 2.18 13.58
N HIS A 311 9.74 0.86 13.52
CA HIS A 311 8.60 0.17 14.13
C HIS A 311 8.69 0.29 15.65
N ALA A 312 9.91 0.26 16.23
CA ALA A 312 10.09 0.43 17.67
C ALA A 312 9.52 1.79 18.16
N ALA A 313 9.81 2.90 17.45
CA ALA A 313 9.28 4.20 17.85
C ALA A 313 7.77 4.30 17.70
N VAL A 314 7.17 3.68 16.66
CA VAL A 314 5.72 3.68 16.49
C VAL A 314 5.04 2.89 17.62
N ASP A 315 5.66 1.73 17.98
CA ASP A 315 5.26 0.81 19.06
C ASP A 315 5.35 1.46 20.46
N ALA A 316 6.38 2.28 20.70
CA ALA A 316 6.51 3.00 21.96
C ALA A 316 5.36 4.05 22.11
N LEU A 317 4.90 4.66 20.97
CA LEU A 317 3.75 5.60 20.97
C LEU A 317 2.42 4.81 21.17
N CYS A 318 2.34 3.60 20.58
CA CYS A 318 1.23 2.64 20.70
C CYS A 318 1.07 2.19 22.19
N GLU A 319 2.21 2.04 22.92
CA GLU A 319 2.23 1.65 24.32
C GLU A 319 1.64 2.75 25.20
N LYS A 320 2.05 4.02 24.94
CA LYS A 320 1.58 5.18 25.65
C LYS A 320 0.10 5.43 25.35
N ALA A 321 -0.35 5.17 24.11
CA ALA A 321 -1.76 5.38 23.76
C ALA A 321 -2.69 4.30 24.36
N LEU A 322 -2.16 3.09 24.54
CA LEU A 322 -2.94 2.01 25.14
C LEU A 322 -3.35 2.38 26.60
N LYS A 323 -2.48 3.16 27.31
CA LYS A 323 -2.68 3.61 28.69
C LYS A 323 -3.60 4.87 28.84
N TYR A 324 -3.79 5.69 27.77
CA TYR A 324 -4.62 6.90 27.92
C TYR A 324 -5.76 7.09 26.93
N LEU A 325 -5.60 6.55 25.73
CA LEU A 325 -6.58 6.73 24.67
C LEU A 325 -7.48 5.52 24.51
N PRO A 326 -8.74 5.75 24.08
CA PRO A 326 -9.66 4.61 23.87
C PRO A 326 -9.14 3.65 22.80
N ILE A 327 -8.86 2.38 23.18
CA ILE A 327 -8.30 1.35 22.31
C ILE A 327 -9.13 1.07 21.01
N ASP A 328 -10.45 1.28 21.04
CA ASP A 328 -11.29 1.05 19.86
C ASP A 328 -11.11 2.11 18.76
N LYS A 329 -10.64 3.32 19.11
CA LYS A 329 -10.36 4.34 18.08
C LYS A 329 -8.89 4.35 17.63
N CYS A 330 -8.08 3.38 18.11
CA CYS A 330 -6.69 3.20 17.74
C CYS A 330 -6.52 2.11 16.69
N SER A 331 -5.55 2.30 15.82
CA SER A 331 -5.19 1.32 14.81
C SER A 331 -3.69 1.35 14.53
N ARG A 332 -3.08 0.17 14.44
CA ARG A 332 -1.67 0.05 14.12
C ARG A 332 -1.56 -0.44 12.65
N ILE A 333 -1.05 0.42 11.73
CA ILE A 333 -0.91 0.08 10.30
C ILE A 333 0.36 -0.73 10.10
N ILE A 334 0.21 -1.98 9.64
CA ILE A 334 1.33 -2.89 9.40
C ILE A 334 1.39 -3.20 7.91
N PRO A 335 2.53 -2.92 7.23
CA PRO A 335 2.63 -3.21 5.79
C PRO A 335 2.50 -4.68 5.51
N ALA A 336 1.77 -5.03 4.41
CA ALA A 336 1.49 -6.39 3.94
C ALA A 336 2.74 -7.26 3.97
N ARG A 337 3.89 -6.68 3.57
CA ARG A 337 5.19 -7.33 3.67
C ARG A 337 5.68 -7.07 5.10
N ALA A 338 5.03 -7.76 6.08
CA ALA A 338 5.32 -7.64 7.50
C ALA A 338 6.72 -8.15 7.78
N ARG A 339 7.66 -7.20 7.92
CA ARG A 339 9.09 -7.45 8.13
C ARG A 339 9.35 -8.01 9.56
N VAL A 340 9.48 -7.17 10.58
CA VAL A 340 9.68 -7.66 11.96
C VAL A 340 8.39 -7.47 12.80
N GLU A 341 8.33 -8.10 13.99
CA GLU A 341 7.17 -8.02 14.89
C GLU A 341 6.78 -6.59 15.28
N CYS A 342 5.47 -6.38 15.50
CA CYS A 342 4.83 -5.10 15.81
C CYS A 342 3.90 -5.17 17.02
N PHE A 343 3.35 -4.01 17.39
CA PHE A 343 2.35 -3.83 18.42
C PHE A 343 1.09 -4.57 17.97
N ASP A 344 0.53 -5.45 18.85
CA ASP A 344 -0.64 -6.32 18.62
C ASP A 344 -2.01 -5.89 19.24
N LYS A 345 -2.02 -4.96 20.21
CA LYS A 345 -3.26 -4.60 20.92
C LYS A 345 -4.26 -3.73 20.12
N PHE A 346 -3.88 -3.03 19.03
CA PHE A 346 -4.85 -2.23 18.29
C PHE A 346 -5.39 -3.00 17.08
N LYS A 347 -6.59 -2.62 16.56
CA LYS A 347 -7.14 -3.25 15.36
C LYS A 347 -6.20 -2.91 14.19
N VAL A 348 -5.65 -3.93 13.54
CA VAL A 348 -4.66 -3.73 12.49
C VAL A 348 -5.27 -3.26 11.15
N ASN A 349 -4.61 -2.24 10.55
CA ASN A 349 -4.85 -1.68 9.23
C ASN A 349 -6.18 -0.98 9.04
N SER A 350 -6.79 -0.50 10.12
CA SER A 350 -8.03 0.27 10.00
C SER A 350 -7.59 1.73 9.83
N THR A 351 -7.27 2.11 8.58
CA THR A 351 -6.80 3.44 8.16
C THR A 351 -7.71 4.60 8.66
N LEU A 352 -9.01 4.32 8.77
CA LEU A 352 -10.02 5.32 9.11
C LEU A 352 -10.19 5.63 10.59
N GLU A 353 -9.45 4.93 11.49
CA GLU A 353 -9.55 5.16 12.93
C GLU A 353 -9.05 6.55 13.32
N GLN A 354 -9.60 7.09 14.42
CA GLN A 354 -9.25 8.41 14.93
C GLN A 354 -7.75 8.51 15.22
N TYR A 355 -7.16 7.44 15.74
CA TYR A 355 -5.74 7.38 16.08
C TYR A 355 -5.06 6.29 15.25
N VAL A 356 -4.18 6.69 14.35
CA VAL A 356 -3.48 5.76 13.48
C VAL A 356 -1.99 5.84 13.73
N PHE A 357 -1.41 4.71 14.07
CA PHE A 357 0.00 4.62 14.42
C PHE A 357 0.64 3.82 13.29
N CYS A 358 1.61 4.45 12.60
CA CYS A 358 2.19 3.86 11.40
C CYS A 358 3.60 4.38 11.10
N THR A 359 4.51 3.50 10.59
CA THR A 359 5.84 3.94 10.17
C THR A 359 5.74 4.85 8.90
N VAL A 360 6.74 5.69 8.64
CA VAL A 360 6.73 6.58 7.47
C VAL A 360 6.54 5.82 6.13
N ASN A 361 7.29 4.70 5.89
CA ASN A 361 7.20 3.95 4.62
C ASN A 361 5.86 3.26 4.39
N ALA A 362 5.11 2.93 5.48
CA ALA A 362 3.80 2.27 5.33
C ALA A 362 2.61 3.26 5.34
N LEU A 363 2.88 4.59 5.46
CA LEU A 363 1.84 5.60 5.54
C LEU A 363 0.88 5.59 4.38
N PRO A 364 -0.42 5.55 4.67
CA PRO A 364 -1.41 5.65 3.58
C PRO A 364 -1.61 7.10 3.12
N GLU A 365 -2.29 7.26 1.96
CA GLU A 365 -2.64 8.58 1.44
C GLU A 365 -3.85 9.00 2.23
N THR A 366 -3.67 9.87 3.23
CA THR A 366 -4.78 10.29 4.08
C THR A 366 -4.58 11.76 4.58
N THR A 367 -5.57 12.26 5.32
CA THR A 367 -5.57 13.59 5.92
C THR A 367 -5.75 13.47 7.45
N ALA A 368 -5.32 14.49 8.21
CA ALA A 368 -5.42 14.44 9.68
C ALA A 368 -5.55 15.85 10.28
N ASP A 369 -6.14 15.97 11.48
CA ASP A 369 -6.22 17.27 12.15
C ASP A 369 -4.83 17.60 12.74
N ILE A 370 -4.07 16.56 13.25
CA ILE A 370 -2.68 16.67 13.69
C ILE A 370 -1.88 15.44 13.20
N VAL A 371 -0.65 15.68 12.77
CA VAL A 371 0.28 14.61 12.47
C VAL A 371 1.42 14.79 13.48
N VAL A 372 1.73 13.75 14.24
CA VAL A 372 2.83 13.80 15.20
C VAL A 372 3.93 12.91 14.61
N PHE A 373 5.12 13.48 14.34
CA PHE A 373 6.27 12.74 13.82
C PHE A 373 7.27 12.69 14.99
N ASP A 374 7.47 11.49 15.56
CA ASP A 374 8.37 11.25 16.69
C ASP A 374 9.75 10.75 16.21
N GLU A 375 10.78 10.89 17.09
CA GLU A 375 12.19 10.50 16.91
C GLU A 375 12.72 11.22 15.66
N ILE A 376 12.58 12.56 15.66
CA ILE A 376 12.90 13.41 14.53
C ILE A 376 14.40 13.41 14.21
N SER A 377 15.32 13.16 15.17
CA SER A 377 16.74 13.09 14.80
C SER A 377 17.02 11.88 13.83
N MET A 378 16.22 10.78 13.93
CA MET A 378 16.33 9.60 13.04
C MET A 378 15.74 9.76 11.64
N ALA A 379 15.01 10.84 11.40
CA ALA A 379 14.44 11.08 10.08
C ALA A 379 15.48 11.67 9.16
N THR A 380 15.32 11.41 7.87
CA THR A 380 16.13 12.01 6.82
C THR A 380 15.20 13.01 6.12
N ASN A 381 15.76 13.88 5.27
CA ASN A 381 14.91 14.80 4.50
C ASN A 381 13.99 14.06 3.53
N TYR A 382 14.39 12.85 3.09
CA TYR A 382 13.59 12.00 2.25
C TYR A 382 12.30 11.61 3.04
N ASP A 383 12.44 11.14 4.31
CA ASP A 383 11.34 10.80 5.24
C ASP A 383 10.41 12.00 5.50
N LEU A 384 10.99 13.20 5.77
CA LEU A 384 10.28 14.46 5.98
C LEU A 384 9.34 14.76 4.81
N SER A 385 9.86 14.64 3.57
CA SER A 385 9.13 14.89 2.34
C SER A 385 8.01 13.86 2.10
N VAL A 386 8.25 12.56 2.38
CA VAL A 386 7.28 11.47 2.21
C VAL A 386 6.05 11.73 3.09
N VAL A 387 6.28 12.10 4.36
CA VAL A 387 5.21 12.41 5.30
C VAL A 387 4.35 13.59 4.77
N ASN A 388 4.99 14.65 4.19
CA ASN A 388 4.23 15.77 3.64
C ASN A 388 3.42 15.37 2.38
N ALA A 389 3.90 14.35 1.64
CA ALA A 389 3.24 13.85 0.44
C ALA A 389 2.08 12.92 0.75
N ARG A 390 2.20 12.05 1.78
CA ARG A 390 1.11 11.10 2.10
C ARG A 390 0.07 11.64 3.10
N LEU A 391 0.46 12.61 3.91
CA LEU A 391 -0.44 13.17 4.92
C LEU A 391 -0.69 14.68 4.74
N ARG A 392 -1.94 15.05 4.50
CA ARG A 392 -2.31 16.47 4.42
C ARG A 392 -2.97 16.84 5.75
N ALA A 393 -2.23 17.56 6.64
CA ALA A 393 -2.72 17.88 7.99
C ALA A 393 -2.92 19.38 8.32
N LYS A 394 -3.83 19.67 9.27
CA LYS A 394 -4.03 21.05 9.76
C LYS A 394 -2.78 21.48 10.57
N HIS A 395 -2.22 20.54 11.36
CA HIS A 395 -1.04 20.75 12.20
C HIS A 395 -0.06 19.59 12.13
N TYR A 396 1.22 19.91 12.20
CA TYR A 396 2.29 18.92 12.15
C TYR A 396 3.18 19.17 13.36
N VAL A 397 3.47 18.13 14.13
CA VAL A 397 4.30 18.27 15.31
C VAL A 397 5.50 17.35 15.18
N TYR A 398 6.68 17.93 15.27
CA TYR A 398 7.93 17.18 15.16
C TYR A 398 8.53 17.07 16.51
N ILE A 399 8.61 15.85 17.01
CA ILE A 399 9.14 15.55 18.33
C ILE A 399 10.42 14.70 18.23
N GLY A 400 11.44 15.13 18.96
CA GLY A 400 12.69 14.42 19.00
C GLY A 400 13.73 15.20 19.76
N ASP A 401 14.99 14.95 19.43
CA ASP A 401 16.09 15.62 20.12
C ASP A 401 17.32 15.58 19.22
N PRO A 402 17.79 16.78 18.81
CA PRO A 402 19.00 16.83 17.98
C PRO A 402 20.30 16.45 18.72
N ALA A 403 20.24 16.25 20.04
CA ALA A 403 21.38 15.75 20.85
C ALA A 403 21.35 14.21 20.96
N GLN A 404 20.42 13.55 20.25
CA GLN A 404 20.32 12.11 20.12
C GLN A 404 20.78 11.66 18.70
N LEU A 405 20.79 10.36 18.46
CA LEU A 405 21.32 9.80 17.22
C LEU A 405 20.52 10.03 15.93
N PRO A 406 21.24 10.31 14.82
CA PRO A 406 20.58 10.45 13.52
C PRO A 406 20.47 9.09 12.79
N ALA A 407 19.87 9.12 11.58
CA ALA A 407 19.82 7.92 10.77
C ALA A 407 21.23 7.61 10.28
N PRO A 408 21.59 6.32 10.18
CA PRO A 408 22.92 5.97 9.67
C PRO A 408 23.04 6.38 8.21
N ARG A 409 24.11 7.08 7.87
CA ARG A 409 24.35 7.49 6.50
C ARG A 409 25.40 6.53 5.98
N THR A 410 24.93 5.40 5.37
CA THR A 410 25.78 4.32 4.86
C THR A 410 26.91 4.78 3.93
N LEU A 411 26.69 5.82 3.10
CA LEU A 411 27.75 6.30 2.21
C LEU A 411 28.77 7.21 2.87
N LEU A 412 28.39 7.92 3.93
CA LEU A 412 29.29 8.87 4.56
C LEU A 412 30.40 8.20 5.35
N THR A 413 31.66 8.49 4.94
CA THR A 413 32.87 7.92 5.55
C THR A 413 33.92 9.00 5.89
N LYS A 414 33.79 10.21 5.36
CA LYS A 414 34.77 11.27 5.60
C LYS A 414 34.14 12.51 6.22
N GLY A 415 34.43 12.73 7.48
CA GLY A 415 33.90 13.88 8.21
C GLY A 415 32.76 13.45 9.11
N THR A 416 32.45 14.32 10.08
CA THR A 416 31.37 14.05 11.04
C THR A 416 30.13 14.88 10.71
N LEU A 417 28.95 14.24 10.76
CA LEU A 417 27.69 14.92 10.51
C LEU A 417 27.13 15.57 11.79
N GLU A 418 27.23 16.90 11.91
CA GLU A 418 26.73 17.65 13.06
C GLU A 418 25.17 17.71 13.10
N PRO A 419 24.58 17.76 14.35
CA PRO A 419 23.11 17.79 14.52
C PRO A 419 22.28 18.76 13.66
N GLU A 420 22.81 19.95 13.40
CA GLU A 420 22.10 20.90 12.54
C GLU A 420 21.98 20.46 11.07
N TYR A 421 22.59 19.33 10.72
CA TYR A 421 22.55 18.82 9.36
C TYR A 421 21.86 17.46 9.23
N PHE A 422 21.19 16.97 10.30
CA PHE A 422 20.51 15.68 10.28
C PHE A 422 19.32 15.75 9.32
N ASN A 423 18.53 16.80 9.45
CA ASN A 423 17.37 17.05 8.61
C ASN A 423 16.94 18.52 8.79
N SER A 424 15.86 18.96 8.09
CA SER A 424 15.41 20.36 8.17
C SER A 424 14.93 20.72 9.55
N VAL A 425 14.20 19.77 10.19
CA VAL A 425 13.66 19.93 11.53
C VAL A 425 14.79 20.15 12.53
N CYS A 426 15.85 19.32 12.45
CA CYS A 426 17.01 19.45 13.32
C CYS A 426 17.78 20.70 13.05
N ARG A 427 17.88 21.08 11.77
CA ARG A 427 18.55 22.32 11.38
C ARG A 427 17.87 23.51 12.07
N LEU A 428 16.52 23.51 12.09
CA LEU A 428 15.75 24.52 12.78
C LEU A 428 16.01 24.50 14.29
N MET A 429 15.84 23.34 14.97
CA MET A 429 16.08 23.21 16.42
C MET A 429 17.47 23.66 16.88
N LYS A 430 18.45 23.57 15.99
CA LYS A 430 19.81 23.93 16.32
C LYS A 430 20.19 25.36 15.99
N THR A 431 19.42 26.02 15.11
CA THR A 431 19.71 27.39 14.69
C THR A 431 18.75 28.40 15.40
N ILE A 432 17.44 28.33 15.11
CA ILE A 432 16.42 29.22 15.71
C ILE A 432 15.86 28.68 17.05
N GLY A 433 16.36 27.52 17.49
CA GLY A 433 15.86 26.87 18.68
C GLY A 433 14.56 26.13 18.41
N PRO A 434 14.19 25.22 19.30
CA PRO A 434 12.91 24.52 19.14
C PRO A 434 11.74 25.40 19.61
N ASP A 435 10.52 25.10 19.14
CA ASP A 435 9.35 25.86 19.59
C ASP A 435 9.04 25.53 21.05
N MET A 436 9.22 24.25 21.43
CA MET A 436 8.94 23.78 22.78
C MET A 436 10.09 22.91 23.28
N PHE A 437 10.46 23.06 24.56
CA PHE A 437 11.56 22.30 25.18
C PHE A 437 11.12 21.67 26.49
N LEU A 438 11.16 20.32 26.58
CA LEU A 438 10.81 19.61 27.83
C LEU A 438 12.09 19.62 28.71
N GLY A 439 12.13 20.52 29.66
CA GLY A 439 13.32 20.77 30.46
C GLY A 439 13.59 19.92 31.69
N THR A 440 12.69 18.98 32.08
CA THR A 440 12.98 18.17 33.27
C THR A 440 13.06 16.67 32.97
N CYS A 441 14.22 16.09 33.23
CA CYS A 441 14.42 14.65 33.06
C CYS A 441 13.89 13.91 34.27
N ARG A 442 12.88 13.08 34.07
CA ARG A 442 12.29 12.30 35.15
C ARG A 442 12.82 10.86 35.22
N ARG A 443 13.68 10.45 34.27
CA ARG A 443 14.15 9.07 34.23
C ARG A 443 15.44 8.80 34.96
N CYS A 444 16.41 9.70 34.79
CA CYS A 444 17.76 9.41 35.19
C CYS A 444 18.17 9.89 36.55
N PRO A 445 19.11 9.13 37.20
CA PRO A 445 19.74 9.62 38.44
C PRO A 445 20.39 10.99 38.15
N ALA A 446 20.43 11.91 39.12
CA ALA A 446 20.98 13.25 38.87
C ALA A 446 22.39 13.26 38.34
N GLU A 447 23.26 12.26 38.65
CA GLU A 447 24.64 12.21 38.12
C GLU A 447 24.67 12.20 36.59
N ILE A 448 23.77 11.40 35.98
CA ILE A 448 23.59 11.29 34.56
C ILE A 448 22.98 12.57 33.97
N VAL A 449 21.95 13.11 34.64
CA VAL A 449 21.29 14.32 34.14
C VAL A 449 22.28 15.51 34.15
N ASP A 450 23.11 15.61 35.20
CA ASP A 450 24.09 16.68 35.33
C ASP A 450 25.18 16.59 34.26
N THR A 451 25.61 15.35 33.90
CA THR A 451 26.63 15.12 32.90
C THR A 451 26.16 15.54 31.46
N VAL A 452 25.00 15.00 30.99
CA VAL A 452 24.44 15.30 29.67
C VAL A 452 23.87 16.72 29.57
N SER A 453 23.41 17.31 30.70
CA SER A 453 22.94 18.72 30.67
C SER A 453 24.14 19.61 30.32
N ALA A 454 25.30 19.38 30.96
CA ALA A 454 26.50 20.16 30.66
C ALA A 454 27.10 19.81 29.28
N LEU A 455 26.99 18.55 28.86
CA LEU A 455 27.56 18.06 27.63
C LEU A 455 26.83 18.51 26.37
N VAL A 456 25.49 18.33 26.31
CA VAL A 456 24.76 18.64 25.06
C VAL A 456 23.55 19.61 25.21
N TYR A 457 23.20 20.02 26.45
CA TYR A 457 22.01 20.86 26.62
C TYR A 457 22.25 22.26 27.21
N ASP A 458 23.48 22.80 27.11
CA ASP A 458 23.84 24.14 27.62
C ASP A 458 23.42 24.37 29.08
N ASN A 459 23.41 23.32 29.90
CA ASN A 459 23.03 23.36 31.32
C ASN A 459 21.54 23.67 31.55
N LYS A 460 20.67 23.35 30.57
CA LYS A 460 19.23 23.63 30.70
C LYS A 460 18.36 22.40 30.95
N LEU A 461 18.96 21.19 31.05
CA LEU A 461 18.21 19.99 31.38
C LEU A 461 18.29 19.85 32.92
N LYS A 462 17.13 19.72 33.55
CA LYS A 462 17.05 19.64 35.00
C LYS A 462 16.77 18.21 35.47
N ALA A 463 17.33 17.82 36.65
CA ALA A 463 17.11 16.49 37.20
C ALA A 463 15.91 16.48 38.13
N HIS A 464 14.97 15.55 37.89
CA HIS A 464 13.83 15.37 38.76
C HIS A 464 14.27 14.39 39.87
N LYS A 465 14.92 13.27 39.52
CA LYS A 465 15.42 12.33 40.49
C LYS A 465 16.62 12.92 41.25
N ASP A 466 16.90 12.35 42.42
CA ASP A 466 18.05 12.71 43.21
C ASP A 466 19.25 11.93 42.60
N LYS A 467 20.48 12.20 43.07
CA LYS A 467 21.64 11.39 42.73
C LYS A 467 21.38 9.97 43.31
N SER A 468 21.48 8.94 42.49
CA SER A 468 21.22 7.58 42.94
C SER A 468 22.38 6.97 43.73
N ALA A 469 23.60 7.56 43.64
CA ALA A 469 24.87 7.04 44.21
C ALA A 469 25.23 5.63 43.69
N GLN A 470 24.65 5.27 42.51
CA GLN A 470 24.83 4.02 41.78
C GLN A 470 25.37 4.30 40.36
N CYS A 471 26.08 5.44 40.15
CA CYS A 471 26.63 5.81 38.86
C CYS A 471 28.11 5.81 39.00
N PHE A 472 28.76 4.88 38.30
CA PHE A 472 30.20 4.62 38.39
C PHE A 472 30.92 4.74 37.07
N LYS A 473 32.20 5.08 37.14
CA LYS A 473 33.03 5.24 35.98
C LYS A 473 34.43 4.68 36.26
N MET A 474 35.01 4.05 35.21
CA MET A 474 36.34 3.47 35.29
C MET A 474 37.11 3.82 34.10
N PHE A 475 38.33 4.29 34.26
CA PHE A 475 39.15 4.64 33.14
C PHE A 475 40.02 3.40 32.84
N TYR A 476 39.63 2.63 31.82
CA TYR A 476 40.35 1.40 31.49
C TYR A 476 40.46 1.21 29.98
N LYS A 477 41.61 1.52 29.37
CA LYS A 477 41.72 1.39 27.90
C LYS A 477 41.71 -0.08 27.38
N GLY A 478 42.13 -1.05 28.20
CA GLY A 478 42.09 -2.45 27.83
C GLY A 478 42.90 -2.78 26.59
N VAL A 479 42.35 -3.65 25.74
CA VAL A 479 43.00 -4.10 24.52
C VAL A 479 41.93 -4.12 23.45
N ILE A 480 42.17 -3.42 22.34
CA ILE A 480 41.19 -3.34 21.28
C ILE A 480 41.53 -4.31 20.19
N THR A 481 40.64 -5.25 19.95
CA THR A 481 40.76 -6.20 18.87
C THR A 481 39.62 -5.89 17.90
N HIS A 482 39.64 -6.46 16.70
CA HIS A 482 38.60 -6.17 15.72
C HIS A 482 38.12 -7.39 14.98
N ASP A 483 36.81 -7.44 14.75
CA ASP A 483 36.12 -8.45 13.98
C ASP A 483 35.80 -7.66 12.73
N VAL A 484 36.72 -7.69 11.77
CA VAL A 484 36.66 -6.91 10.54
C VAL A 484 36.97 -5.42 10.94
N SER A 485 35.97 -4.58 11.18
CA SER A 485 36.14 -3.20 11.65
C SER A 485 35.33 -2.92 12.95
N SER A 486 34.36 -3.81 13.27
CA SER A 486 33.59 -3.74 14.48
C SER A 486 34.57 -4.16 15.59
N ALA A 487 34.64 -3.36 16.64
CA ALA A 487 35.62 -3.51 17.71
C ALA A 487 35.17 -4.35 18.92
N ILE A 488 36.16 -4.92 19.62
CA ILE A 488 36.03 -5.72 20.82
C ILE A 488 37.12 -5.29 21.81
N ASN A 489 36.78 -5.23 23.09
CA ASN A 489 37.69 -4.91 24.16
C ASN A 489 37.43 -5.94 25.26
N ARG A 490 38.09 -7.11 25.17
CA ARG A 490 37.91 -8.19 26.14
C ARG A 490 38.32 -7.78 27.56
N PRO A 491 39.47 -7.10 27.77
CA PRO A 491 39.77 -6.63 29.13
C PRO A 491 38.67 -5.74 29.76
N GLN A 492 37.91 -4.95 28.95
CA GLN A 492 36.80 -4.13 29.46
C GLN A 492 35.66 -5.01 29.89
N ILE A 493 35.37 -6.11 29.15
CA ILE A 493 34.36 -7.08 29.56
C ILE A 493 34.81 -7.85 30.85
N GLY A 494 36.11 -8.06 30.99
CA GLY A 494 36.70 -8.70 32.15
C GLY A 494 36.58 -7.86 33.40
N VAL A 495 36.75 -6.54 33.25
CA VAL A 495 36.57 -5.61 34.36
C VAL A 495 35.08 -5.63 34.82
N VAL A 496 34.13 -5.75 33.86
CA VAL A 496 32.70 -5.83 34.13
C VAL A 496 32.35 -7.12 34.84
N ARG A 497 32.97 -8.24 34.42
CA ARG A 497 32.79 -9.55 35.04
C ARG A 497 33.22 -9.50 36.53
N GLU A 498 34.38 -8.86 36.81
CA GLU A 498 34.88 -8.67 38.17
C GLU A 498 33.92 -7.81 39.01
N PHE A 499 33.42 -6.74 38.39
CA PHE A 499 32.45 -5.85 39.01
C PHE A 499 31.14 -6.57 39.38
N LEU A 500 30.60 -7.40 38.45
CA LEU A 500 29.35 -8.12 38.67
C LEU A 500 29.44 -9.09 39.86
N THR A 501 30.63 -9.72 40.07
CA THR A 501 30.80 -10.64 41.19
C THR A 501 30.70 -9.90 42.53
N ARG A 502 31.21 -8.65 42.56
CA ARG A 502 31.21 -7.78 43.74
C ARG A 502 29.93 -6.96 43.93
N ASN A 503 29.07 -6.87 42.90
CA ASN A 503 27.85 -6.07 42.91
C ASN A 503 26.70 -6.84 42.22
N PRO A 504 26.27 -7.97 42.84
CA PRO A 504 25.25 -8.83 42.20
C PRO A 504 23.89 -8.19 41.89
N ALA A 505 23.55 -7.01 42.47
CA ALA A 505 22.28 -6.36 42.09
C ALA A 505 22.29 -6.01 40.59
N TRP A 506 23.50 -5.75 40.04
CA TRP A 506 23.77 -5.43 38.64
C TRP A 506 23.60 -6.59 37.69
N ARG A 507 23.15 -7.76 38.19
CA ARG A 507 22.84 -8.97 37.43
C ARG A 507 21.76 -8.71 36.40
N LYS A 508 20.81 -7.83 36.70
CA LYS A 508 19.72 -7.51 35.78
C LYS A 508 20.03 -6.30 34.84
N ALA A 509 21.29 -5.84 34.81
CA ALA A 509 21.72 -4.74 33.95
C ALA A 509 21.74 -5.13 32.48
N VAL A 510 21.53 -4.13 31.62
CA VAL A 510 21.63 -4.27 30.18
C VAL A 510 23.02 -3.80 29.84
N PHE A 511 23.75 -4.61 29.02
CA PHE A 511 25.10 -4.30 28.54
C PHE A 511 24.98 -3.47 27.26
N ILE A 512 25.60 -2.28 27.25
CA ILE A 512 25.58 -1.38 26.11
C ILE A 512 26.99 -1.04 25.70
N SER A 513 27.23 -0.97 24.38
CA SER A 513 28.51 -0.57 23.81
C SER A 513 28.26 -0.01 22.41
N PRO A 514 29.24 0.73 21.85
CA PRO A 514 29.07 1.27 20.48
C PRO A 514 29.22 0.20 19.34
N TYR A 515 29.58 -1.06 19.65
CA TYR A 515 29.85 -2.08 18.63
C TYR A 515 29.11 -3.37 18.91
N ASN A 516 28.46 -3.96 17.88
CA ASN A 516 27.75 -5.24 18.04
C ASN A 516 28.73 -6.40 18.33
N SER A 517 29.99 -6.29 17.89
CA SER A 517 30.98 -7.34 18.14
C SER A 517 31.41 -7.33 19.60
N GLN A 518 31.47 -6.16 20.26
CA GLN A 518 31.76 -6.08 21.69
C GLN A 518 30.58 -6.74 22.46
N ASN A 519 29.34 -6.43 22.02
CA ASN A 519 28.07 -6.94 22.53
C ASN A 519 27.93 -8.47 22.37
N ALA A 520 28.50 -9.06 21.31
CA ALA A 520 28.44 -10.52 21.09
C ALA A 520 29.38 -11.24 22.08
N VAL A 521 30.57 -10.65 22.31
CA VAL A 521 31.55 -11.17 23.27
C VAL A 521 31.03 -10.99 24.73
N ALA A 522 30.41 -9.83 25.02
CA ALA A 522 29.87 -9.58 26.35
C ALA A 522 28.68 -10.50 26.64
N SER A 523 27.88 -10.85 25.61
CA SER A 523 26.73 -11.71 25.80
C SER A 523 27.16 -13.12 26.26
N LYS A 524 28.18 -13.70 25.62
CA LYS A 524 28.67 -15.01 25.97
C LYS A 524 29.40 -15.04 27.34
N ILE A 525 30.20 -14.01 27.64
CA ILE A 525 30.97 -13.94 28.90
C ILE A 525 30.13 -13.50 30.13
N LEU A 526 29.30 -12.47 29.98
CA LEU A 526 28.52 -11.91 31.07
C LEU A 526 27.14 -12.52 31.22
N GLY A 527 26.53 -12.90 30.09
CA GLY A 527 25.18 -13.44 30.08
C GLY A 527 24.10 -12.37 30.13
N LEU A 528 24.49 -11.06 30.23
CA LEU A 528 23.57 -9.92 30.27
C LEU A 528 22.91 -9.71 28.92
N PRO A 529 21.66 -9.18 28.90
CA PRO A 529 21.07 -8.76 27.63
C PRO A 529 21.92 -7.62 27.06
N THR A 530 22.08 -7.64 25.75
CA THR A 530 22.99 -6.79 25.01
C THR A 530 22.23 -5.81 24.07
N GLN A 531 22.75 -4.59 23.96
CA GLN A 531 22.14 -3.58 23.11
C GLN A 531 23.22 -2.59 22.62
N THR A 532 23.20 -2.17 21.34
CA THR A 532 24.17 -1.16 20.87
C THR A 532 23.57 0.16 21.30
N VAL A 533 24.37 1.22 21.40
CA VAL A 533 23.85 2.55 21.74
C VAL A 533 22.69 2.97 20.81
N ASP A 534 22.89 2.74 19.50
CA ASP A 534 21.93 3.06 18.45
C ASP A 534 20.61 2.29 18.60
N SER A 535 20.66 1.01 18.99
CA SER A 535 19.41 0.25 19.19
C SER A 535 18.77 0.49 20.58
N SER A 536 19.53 1.05 21.52
CA SER A 536 19.01 1.39 22.85
C SER A 536 18.21 2.70 22.85
N GLN A 537 18.36 3.56 21.81
CA GLN A 537 17.66 4.85 21.70
C GLN A 537 16.17 4.68 21.88
N GLY A 538 15.62 5.49 22.78
CA GLY A 538 14.20 5.50 23.14
C GLY A 538 13.81 4.46 24.18
N SER A 539 14.78 3.63 24.66
CA SER A 539 14.55 2.59 25.66
C SER A 539 15.15 2.99 27.03
N GLU A 540 14.65 2.38 28.11
CA GLU A 540 15.16 2.64 29.44
C GLU A 540 15.25 1.38 30.24
N TYR A 541 16.29 1.29 31.07
CA TYR A 541 16.60 0.12 31.88
C TYR A 541 17.01 0.60 33.27
N ASP A 542 16.73 -0.18 34.34
CA ASP A 542 17.14 0.24 35.70
C ASP A 542 18.66 0.38 35.78
N TYR A 543 19.36 -0.60 35.23
CA TYR A 543 20.80 -0.63 35.28
C TYR A 543 21.42 -0.77 33.92
N VAL A 544 22.54 -0.06 33.72
CA VAL A 544 23.21 -0.07 32.46
C VAL A 544 24.70 -0.27 32.66
N ILE A 545 25.27 -1.21 31.91
CA ILE A 545 26.71 -1.39 31.93
C ILE A 545 27.19 -1.03 30.55
N PHE A 546 27.99 0.04 30.47
CA PHE A 546 28.49 0.57 29.22
C PHE A 546 30.00 0.45 29.12
N THR A 547 30.52 -0.24 28.09
CA THR A 547 31.96 -0.27 27.81
C THR A 547 32.15 0.56 26.52
N GLN A 548 32.98 1.63 26.59
CA GLN A 548 33.27 2.46 25.44
C GLN A 548 33.93 1.71 24.29
N THR A 549 34.61 0.57 24.59
CA THR A 549 35.29 -0.36 23.67
C THR A 549 36.56 0.24 23.03
N THR A 550 36.43 1.38 22.30
CA THR A 550 37.54 2.05 21.61
C THR A 550 37.52 3.60 21.88
N GLU A 551 38.51 4.28 21.35
CA GLU A 551 38.70 5.69 21.35
C GLU A 551 38.62 6.04 19.85
N THR A 552 37.44 5.95 19.26
CA THR A 552 37.20 6.37 17.88
C THR A 552 36.22 7.57 17.84
N ALA A 553 36.06 8.21 16.69
CA ALA A 553 35.08 9.28 16.53
C ALA A 553 33.65 8.72 16.73
N HIS A 554 33.41 7.42 16.47
CA HIS A 554 32.12 6.76 16.66
C HIS A 554 31.82 6.58 18.17
N SER A 555 32.80 6.08 18.92
CA SER A 555 32.63 5.84 20.33
C SER A 555 32.78 7.13 21.17
N CYS A 556 33.36 8.21 20.60
CA CYS A 556 33.45 9.47 21.31
C CYS A 556 32.38 10.45 20.93
N ASN A 557 31.50 10.10 19.97
CA ASN A 557 30.43 10.97 19.52
C ASN A 557 29.55 11.40 20.71
N VAL A 558 29.43 12.73 20.95
CA VAL A 558 28.69 13.19 22.11
C VAL A 558 27.22 12.84 22.04
N ASN A 559 26.59 12.74 20.85
CA ASN A 559 25.18 12.33 20.74
C ASN A 559 24.99 10.87 21.13
N ARG A 560 25.92 10.01 20.75
CA ARG A 560 25.89 8.59 21.06
C ARG A 560 26.18 8.42 22.57
N PHE A 561 27.14 9.21 23.12
CA PHE A 561 27.48 9.16 24.54
C PHE A 561 26.26 9.54 25.40
N ASN A 562 25.58 10.64 24.97
CA ASN A 562 24.36 11.15 25.55
C ASN A 562 23.29 10.04 25.58
N VAL A 563 23.01 9.37 24.45
CA VAL A 563 22.04 8.28 24.43
C VAL A 563 22.49 7.14 25.35
N ALA A 564 23.76 6.69 25.24
CA ALA A 564 24.26 5.61 26.07
C ALA A 564 24.00 5.79 27.58
N ILE A 565 24.44 6.93 28.19
CA ILE A 565 24.28 7.10 29.62
C ILE A 565 22.86 7.48 30.07
N THR A 566 22.00 8.04 29.18
CA THR A 566 20.64 8.38 29.55
C THR A 566 19.63 7.18 29.41
N ARG A 567 20.10 5.95 29.25
CA ARG A 567 19.19 4.77 29.19
C ARG A 567 18.83 4.30 30.64
N ALA A 568 19.71 4.59 31.62
CA ALA A 568 19.60 4.19 33.02
C ALA A 568 18.61 4.99 33.87
N LYS A 569 17.76 4.25 34.60
CA LYS A 569 16.80 4.82 35.55
C LYS A 569 17.44 4.90 36.95
N VAL A 570 18.26 3.90 37.31
CA VAL A 570 18.82 3.79 38.65
C VAL A 570 20.37 3.86 38.74
N GLY A 571 21.06 2.98 38.02
CA GLY A 571 22.51 2.96 38.06
C GLY A 571 23.13 2.72 36.70
N ILE A 572 24.38 3.14 36.55
CA ILE A 572 25.18 2.97 35.37
C ILE A 572 26.64 2.74 35.75
N LEU A 573 27.31 1.88 35.01
CA LEU A 573 28.72 1.63 35.16
C LEU A 573 29.28 1.97 33.77
N CYS A 574 30.24 2.90 33.68
CA CYS A 574 30.86 3.28 32.43
C CYS A 574 32.31 2.90 32.44
N ILE A 575 32.73 1.95 31.60
CA ILE A 575 34.14 1.60 31.48
C ILE A 575 34.58 2.39 30.25
N MET A 576 35.35 3.45 30.48
CA MET A 576 35.75 4.43 29.48
C MET A 576 37.14 4.27 28.93
N SER A 577 37.28 4.64 27.67
CA SER A 577 38.55 4.64 26.92
C SER A 577 39.10 6.08 26.73
N ASP A 578 38.17 7.05 26.53
CA ASP A 578 38.46 8.46 26.29
C ASP A 578 38.51 9.24 27.58
N ARG A 579 39.65 9.90 27.84
CA ARG A 579 39.86 10.69 29.04
C ARG A 579 38.89 11.87 29.14
N ASP A 580 38.61 12.54 28.04
CA ASP A 580 37.72 13.70 27.97
C ASP A 580 36.30 13.33 28.51
N LEU A 581 35.61 12.38 27.85
CA LEU A 581 34.30 11.95 28.28
C LEU A 581 34.32 11.30 29.71
N TYR A 582 35.41 10.61 30.09
CA TYR A 582 35.52 10.02 31.43
C TYR A 582 35.59 11.17 32.48
N ASP A 583 36.36 12.23 32.19
CA ASP A 583 36.48 13.37 33.10
C ASP A 583 35.17 14.17 33.23
N LYS A 584 34.36 14.17 32.15
CA LYS A 584 33.06 14.81 32.08
C LYS A 584 31.99 14.01 32.81
N LEU A 585 32.17 12.68 33.00
CA LEU A 585 31.20 11.89 33.74
C LEU A 585 31.19 12.32 35.25
N GLN A 586 30.02 12.78 35.73
CA GLN A 586 29.90 13.23 37.13
C GLN A 586 29.45 12.05 37.93
N PHE A 587 30.27 10.98 37.91
CA PHE A 587 30.04 9.69 38.54
C PHE A 587 31.13 9.43 39.56
N THR A 588 30.91 8.45 40.43
CA THR A 588 31.88 7.98 41.39
C THR A 588 32.90 7.12 40.61
N SER A 589 34.19 7.46 40.74
CA SER A 589 35.21 6.71 40.06
C SER A 589 35.57 5.45 40.86
N LEU A 590 35.67 4.32 40.15
CA LEU A 590 36.04 3.03 40.70
C LEU A 590 37.49 2.69 40.32
N GLU A 591 38.03 1.63 40.97
CA GLU A 591 39.34 1.14 40.60
C GLU A 591 39.41 -0.42 40.61
N ILE A 592 40.39 -0.99 39.82
CA ILE A 592 40.77 -2.42 39.66
C ILE A 592 41.69 -2.60 38.45
N VAL B 2 -17.63 15.52 12.50
CA VAL B 2 -18.57 16.17 11.58
C VAL B 2 -18.22 15.87 10.12
N GLY B 3 -19.28 15.84 9.30
CA GLY B 3 -19.28 15.56 7.87
C GLY B 3 -20.62 15.92 7.22
N ALA B 4 -20.89 15.33 6.07
CA ALA B 4 -22.10 15.60 5.32
C ALA B 4 -23.11 14.43 5.29
N CYS B 5 -24.38 14.79 5.25
CA CYS B 5 -25.49 13.83 5.22
C CYS B 5 -25.49 13.03 3.92
N VAL B 6 -25.64 11.71 4.01
CA VAL B 6 -25.68 10.86 2.81
C VAL B 6 -27.04 10.91 2.08
N LEU B 7 -27.99 11.72 2.52
CA LEU B 7 -29.30 11.81 1.85
C LEU B 7 -29.73 13.23 1.45
N CYS B 8 -29.13 14.23 2.12
CA CYS B 8 -29.43 15.65 2.05
C CYS B 8 -28.24 16.49 1.68
N ASN B 9 -27.06 16.07 2.16
CA ASN B 9 -25.79 16.78 2.18
C ASN B 9 -25.72 17.79 3.35
N SER B 10 -26.85 18.04 4.07
CA SER B 10 -26.96 18.95 5.19
C SER B 10 -25.93 18.57 6.25
N GLN B 11 -24.90 19.41 6.43
CA GLN B 11 -23.81 19.24 7.40
C GLN B 11 -24.29 18.69 8.76
N THR B 12 -23.60 17.68 9.34
CA THR B 12 -24.04 17.15 10.66
C THR B 12 -22.96 16.50 11.48
N SER B 13 -23.17 16.48 12.81
CA SER B 13 -22.37 15.79 13.80
C SER B 13 -22.93 14.34 14.03
N LEU B 14 -24.12 14.02 13.50
CA LEU B 14 -24.76 12.71 13.64
C LEU B 14 -24.32 11.71 12.56
N ARG B 15 -24.02 10.49 13.00
CA ARG B 15 -23.67 9.33 12.20
C ARG B 15 -24.50 8.20 12.77
N CYS B 16 -25.14 7.36 11.92
CA CYS B 16 -25.89 6.22 12.44
C CYS B 16 -24.86 5.19 12.95
N GLY B 17 -24.99 4.79 14.20
CA GLY B 17 -24.07 3.83 14.82
C GLY B 17 -24.41 2.38 14.56
N ALA B 18 -25.69 2.10 14.16
CA ALA B 18 -26.15 0.75 13.84
C ALA B 18 -25.82 0.34 12.40
N CYS B 19 -25.61 1.34 11.51
CA CYS B 19 -25.19 1.15 10.13
C CYS B 19 -23.76 0.69 10.16
N ILE B 20 -23.44 -0.34 9.35
CA ILE B 20 -22.07 -0.85 9.32
C ILE B 20 -21.11 0.17 8.69
N ARG B 21 -21.62 1.11 7.88
CA ARG B 21 -20.81 2.17 7.28
C ARG B 21 -20.79 3.47 8.07
N ARG B 22 -21.63 3.59 9.13
CA ARG B 22 -21.78 4.77 9.96
C ARG B 22 -21.98 6.06 9.15
N PRO B 23 -23.00 6.11 8.28
CA PRO B 23 -23.19 7.28 7.44
C PRO B 23 -23.52 8.52 8.24
N PHE B 24 -23.03 9.69 7.79
CA PHE B 24 -23.42 10.93 8.41
C PHE B 24 -24.88 11.17 8.01
N LEU B 25 -25.74 11.36 9.01
CA LEU B 25 -27.16 11.64 8.82
C LEU B 25 -27.48 12.98 9.48
N CYS B 26 -28.25 13.82 8.78
CA CYS B 26 -28.60 15.14 9.33
C CYS B 26 -29.63 15.02 10.46
N CYS B 27 -29.93 16.13 11.17
CA CYS B 27 -30.90 16.11 12.26
C CYS B 27 -32.25 15.52 11.81
N LYS B 28 -32.74 15.95 10.62
CA LYS B 28 -34.01 15.47 10.10
C LYS B 28 -33.96 14.01 9.66
N CYS B 29 -32.94 13.63 8.85
CA CYS B 29 -32.82 12.29 8.25
C CYS B 29 -32.43 11.20 9.26
N CYS B 30 -31.65 11.56 10.29
CA CYS B 30 -31.28 10.65 11.38
C CYS B 30 -32.55 10.17 12.07
N TYR B 31 -33.50 11.11 12.31
CA TYR B 31 -34.79 10.83 12.91
C TYR B 31 -35.61 9.86 12.07
N ASP B 32 -35.89 10.18 10.78
CA ASP B 32 -36.69 9.26 9.96
C ASP B 32 -36.00 7.90 9.75
N HIS B 33 -34.68 7.82 9.95
CA HIS B 33 -33.98 6.53 9.89
C HIS B 33 -34.22 5.74 11.20
N VAL B 34 -33.94 6.35 12.38
CA VAL B 34 -34.09 5.69 13.68
C VAL B 34 -35.55 5.34 13.99
N ILE B 35 -36.57 6.13 13.56
CA ILE B 35 -37.96 5.80 13.88
C ILE B 35 -38.59 4.74 12.94
N SER B 36 -37.98 4.49 11.79
CA SER B 36 -38.53 3.52 10.84
C SER B 36 -37.72 2.25 10.69
N THR B 37 -36.62 2.09 11.46
CA THR B 37 -35.76 0.90 11.42
C THR B 37 -35.38 0.46 12.86
N SER B 38 -34.81 -0.76 13.00
CA SER B 38 -34.23 -1.26 14.25
C SER B 38 -32.94 -0.46 14.64
N HIS B 39 -32.44 0.39 13.73
CA HIS B 39 -31.24 1.16 13.93
C HIS B 39 -31.58 2.29 14.90
N LYS B 40 -31.04 2.24 16.13
CA LYS B 40 -31.33 3.28 17.13
C LYS B 40 -30.09 3.89 17.74
N LEU B 41 -28.88 3.35 17.48
CA LEU B 41 -27.67 3.94 18.08
C LEU B 41 -27.22 5.14 17.26
N VAL B 42 -27.03 6.32 17.88
CA VAL B 42 -26.60 7.52 17.15
C VAL B 42 -25.20 7.97 17.63
N LEU B 43 -24.31 8.37 16.71
CA LEU B 43 -22.95 8.76 17.06
C LEU B 43 -22.71 10.21 16.75
N SER B 44 -21.96 10.89 17.62
CA SER B 44 -21.62 12.30 17.40
C SER B 44 -20.13 12.46 17.82
N VAL B 45 -19.74 13.55 18.53
CA VAL B 45 -18.40 13.71 19.15
C VAL B 45 -18.23 12.52 20.15
N ASN B 46 -19.32 12.22 20.86
CA ASN B 46 -19.49 11.09 21.74
C ASN B 46 -20.75 10.31 21.25
N PRO B 47 -20.86 9.02 21.57
CA PRO B 47 -22.07 8.29 21.19
C PRO B 47 -23.24 8.67 22.10
N TYR B 48 -24.44 8.50 21.57
CA TYR B 48 -25.64 8.78 22.33
C TYR B 48 -25.93 7.52 23.10
N VAL B 49 -25.32 7.45 24.28
CA VAL B 49 -25.43 6.36 25.24
C VAL B 49 -25.63 6.98 26.64
N CYS B 50 -26.35 6.28 27.54
CA CYS B 50 -26.54 6.79 28.89
C CYS B 50 -25.22 6.80 29.67
N ASN B 51 -24.90 7.98 30.20
CA ASN B 51 -23.69 8.23 30.96
C ASN B 51 -23.73 7.68 32.39
N ALA B 52 -24.93 7.32 32.91
CA ALA B 52 -25.06 6.76 34.25
C ALA B 52 -24.33 5.43 34.31
N PRO B 53 -23.53 5.22 35.38
CA PRO B 53 -22.74 3.99 35.47
C PRO B 53 -23.53 2.67 35.40
N GLY B 54 -23.02 1.72 34.60
CA GLY B 54 -23.64 0.42 34.43
C GLY B 54 -24.96 0.41 33.68
N CYS B 55 -25.33 1.55 33.05
CA CYS B 55 -26.57 1.64 32.32
C CYS B 55 -26.39 1.28 30.85
N ASP B 56 -27.25 0.38 30.34
CA ASP B 56 -27.18 -0.10 28.96
C ASP B 56 -28.22 0.53 28.01
N VAL B 57 -28.62 1.80 28.23
CA VAL B 57 -29.57 2.45 27.31
C VAL B 57 -28.80 3.17 26.22
N THR B 58 -28.93 2.68 24.96
CA THR B 58 -28.30 3.22 23.75
C THR B 58 -29.31 3.69 22.69
N ASP B 59 -30.62 3.36 22.85
CA ASP B 59 -31.70 3.75 21.94
C ASP B 59 -31.87 5.28 22.07
N VAL B 60 -31.62 6.04 20.98
CA VAL B 60 -31.69 7.52 20.92
C VAL B 60 -33.11 8.07 21.27
N THR B 61 -34.19 7.28 21.03
CA THR B 61 -35.56 7.68 21.33
C THR B 61 -35.84 7.64 22.87
N GLN B 62 -35.04 6.83 23.61
CA GLN B 62 -35.11 6.70 25.07
C GLN B 62 -34.04 7.56 25.77
N LEU B 63 -33.37 8.49 25.06
CA LEU B 63 -32.30 9.32 25.65
C LEU B 63 -32.58 10.84 25.60
N TYR B 64 -31.90 11.60 26.51
CA TYR B 64 -32.04 13.05 26.77
C TYR B 64 -30.66 13.72 27.00
N LEU B 65 -30.54 15.06 26.81
CA LEU B 65 -29.31 15.82 27.10
C LEU B 65 -29.39 16.50 28.48
N GLY B 66 -28.67 15.93 29.46
CA GLY B 66 -28.58 16.44 30.83
C GLY B 66 -27.39 17.37 31.00
N GLY B 67 -27.53 18.58 30.46
CA GLY B 67 -26.49 19.59 30.49
C GLY B 67 -25.47 19.35 29.40
N MET B 68 -24.38 18.67 29.76
CA MET B 68 -23.31 18.35 28.83
C MET B 68 -23.21 16.84 28.49
N SER B 69 -23.93 15.98 29.25
CA SER B 69 -23.93 14.52 29.05
C SER B 69 -25.31 13.95 28.57
N TYR B 70 -25.40 12.64 28.27
CA TYR B 70 -26.63 12.03 27.79
C TYR B 70 -27.14 11.00 28.79
N TYR B 71 -28.45 10.99 29.07
CA TYR B 71 -29.01 10.04 30.03
C TYR B 71 -30.36 9.50 29.56
N CYS B 72 -30.73 8.30 30.01
CA CYS B 72 -32.04 7.73 29.68
C CYS B 72 -33.18 8.39 30.52
N LYS B 73 -34.42 7.91 30.39
CA LYS B 73 -35.55 8.43 31.15
C LYS B 73 -35.36 8.18 32.65
N SER B 74 -34.70 7.05 33.03
CA SER B 74 -34.42 6.64 34.41
C SER B 74 -33.21 7.33 35.07
N HIS B 75 -32.40 8.06 34.30
CA HIS B 75 -31.20 8.70 34.87
C HIS B 75 -31.07 10.17 34.61
N LYS B 76 -31.93 10.75 33.77
CA LYS B 76 -31.85 12.15 33.42
C LYS B 76 -32.04 13.09 34.63
N PRO B 77 -31.29 14.22 34.67
CA PRO B 77 -31.52 15.20 35.74
C PRO B 77 -32.80 16.03 35.46
N PRO B 78 -33.29 16.82 36.43
CA PRO B 78 -34.52 17.60 36.19
C PRO B 78 -34.49 18.48 34.92
N ILE B 79 -33.36 19.18 34.69
CA ILE B 79 -33.18 20.00 33.49
C ILE B 79 -32.50 19.19 32.37
N SER B 80 -33.31 18.69 31.40
CA SER B 80 -32.82 17.91 30.26
C SER B 80 -33.83 17.91 29.11
N PHE B 81 -33.38 17.87 27.84
CA PHE B 81 -34.32 17.80 26.71
C PHE B 81 -34.14 16.51 25.89
N PRO B 82 -35.22 15.89 25.36
CA PRO B 82 -35.05 14.64 24.62
C PRO B 82 -34.23 14.78 23.36
N LEU B 83 -33.49 13.73 23.00
CA LEU B 83 -32.71 13.76 21.76
C LEU B 83 -33.66 13.65 20.53
N CYS B 84 -34.72 12.83 20.62
CA CYS B 84 -35.73 12.72 19.57
C CYS B 84 -36.93 13.57 19.87
N ALA B 85 -37.19 14.56 19.03
CA ALA B 85 -38.34 15.45 19.17
C ALA B 85 -38.54 16.25 17.90
N ASN B 86 -39.80 16.54 17.53
CA ASN B 86 -40.15 17.36 16.35
C ASN B 86 -39.54 16.86 15.04
N GLY B 87 -39.45 15.54 14.87
CA GLY B 87 -38.89 14.96 13.66
C GLY B 87 -37.39 15.13 13.48
N GLN B 88 -36.69 15.38 14.59
CA GLN B 88 -35.26 15.60 14.55
C GLN B 88 -34.53 14.89 15.69
N VAL B 89 -33.24 14.62 15.47
CA VAL B 89 -32.34 14.05 16.48
C VAL B 89 -31.38 15.20 16.84
N PHE B 90 -31.20 15.48 18.15
CA PHE B 90 -30.36 16.60 18.56
C PHE B 90 -28.91 16.45 18.10
N GLY B 91 -28.39 17.49 17.48
CA GLY B 91 -27.00 17.53 17.02
C GLY B 91 -26.64 18.87 16.41
N LEU B 92 -25.35 19.05 16.05
CA LEU B 92 -24.88 20.27 15.39
C LEU B 92 -25.63 20.54 14.08
N TYR B 93 -25.72 21.83 13.72
CA TYR B 93 -26.32 22.32 12.47
C TYR B 93 -27.81 21.96 12.31
N LYS B 94 -28.59 22.09 13.40
CA LYS B 94 -30.03 21.83 13.40
C LYS B 94 -30.82 22.86 12.58
N ASN B 95 -30.22 24.06 12.36
CA ASN B 95 -30.78 25.16 11.58
C ASN B 95 -30.56 24.96 10.05
N THR B 96 -29.37 24.43 9.65
CA THR B 96 -29.06 24.08 8.26
C THR B 96 -29.46 22.61 8.05
N CYS B 97 -30.78 22.36 8.02
CA CYS B 97 -31.42 21.05 7.92
C CYS B 97 -32.40 21.06 6.73
N VAL B 98 -32.42 19.99 5.91
CA VAL B 98 -33.30 19.97 4.74
C VAL B 98 -34.35 18.82 4.73
N GLY B 99 -33.90 17.59 4.97
CA GLY B 99 -34.77 16.42 5.01
C GLY B 99 -34.90 15.68 3.69
N SER B 100 -35.66 14.59 3.68
CA SER B 100 -35.89 13.80 2.48
C SER B 100 -37.30 13.29 2.48
N ASP B 101 -38.03 13.57 1.36
CA ASP B 101 -39.42 13.20 1.11
C ASP B 101 -39.76 11.74 1.51
N ASN B 102 -38.81 10.80 1.26
CA ASN B 102 -38.93 9.37 1.61
C ASN B 102 -37.55 8.70 1.72
N VAL B 103 -37.09 8.48 2.97
CA VAL B 103 -35.83 7.79 3.27
C VAL B 103 -35.99 6.24 3.14
N THR B 104 -37.02 5.78 2.41
CA THR B 104 -37.40 4.38 2.28
C THR B 104 -36.30 3.49 1.70
N ASP B 105 -35.67 3.93 0.59
CA ASP B 105 -34.59 3.22 -0.09
C ASP B 105 -33.30 3.24 0.75
N PHE B 106 -33.02 4.33 1.50
CA PHE B 106 -31.85 4.37 2.38
C PHE B 106 -32.00 3.32 3.49
N ASN B 107 -33.23 3.16 4.02
CA ASN B 107 -33.54 2.22 5.09
C ASN B 107 -33.36 0.78 4.61
N ALA B 108 -33.82 0.48 3.38
CA ALA B 108 -33.69 -0.87 2.81
C ALA B 108 -32.24 -1.24 2.53
N ILE B 109 -31.42 -0.26 2.09
CA ILE B 109 -30.00 -0.50 1.84
C ILE B 109 -29.22 -0.64 3.16
N ALA B 110 -29.60 0.14 4.19
CA ALA B 110 -28.96 0.13 5.51
C ALA B 110 -29.22 -1.15 6.27
N THR B 111 -30.41 -1.75 6.10
CA THR B 111 -30.83 -2.93 6.86
C THR B 111 -30.87 -4.28 6.09
N CYS B 112 -30.68 -4.29 4.75
CA CYS B 112 -30.72 -5.56 4.00
C CYS B 112 -29.49 -6.44 4.25
N ASP B 113 -29.64 -7.77 4.09
CA ASP B 113 -28.52 -8.68 4.31
C ASP B 113 -27.73 -9.03 3.02
N TRP B 114 -28.12 -8.44 1.85
CA TRP B 114 -27.53 -8.60 0.52
C TRP B 114 -27.60 -10.01 -0.01
N THR B 115 -28.56 -10.83 0.47
CA THR B 115 -28.69 -12.22 0.01
C THR B 115 -29.70 -12.36 -1.13
N ASN B 116 -30.52 -11.33 -1.39
CA ASN B 116 -31.54 -11.32 -2.42
C ASN B 116 -31.10 -10.49 -3.62
N ALA B 117 -31.62 -10.81 -4.83
CA ALA B 117 -31.31 -10.04 -6.05
C ALA B 117 -31.93 -8.62 -5.99
N GLY B 118 -33.09 -8.49 -5.36
CA GLY B 118 -33.79 -7.22 -5.19
C GLY B 118 -32.99 -6.17 -4.42
N ASP B 119 -31.97 -6.62 -3.64
CA ASP B 119 -31.06 -5.77 -2.86
C ASP B 119 -30.10 -5.05 -3.81
N TYR B 120 -29.62 -5.79 -4.83
CA TYR B 120 -28.69 -5.33 -5.86
C TYR B 120 -29.43 -4.49 -6.92
N ILE B 121 -30.72 -4.80 -7.19
CA ILE B 121 -31.56 -4.06 -8.11
C ILE B 121 -31.73 -2.64 -7.58
N LEU B 122 -32.04 -2.50 -6.28
CA LEU B 122 -32.20 -1.23 -5.56
C LEU B 122 -30.86 -0.49 -5.49
N ALA B 123 -29.75 -1.17 -5.15
CA ALA B 123 -28.44 -0.51 -5.10
C ALA B 123 -28.00 0.08 -6.47
N ASN B 124 -28.72 -0.24 -7.56
CA ASN B 124 -28.39 0.27 -8.87
C ASN B 124 -29.44 1.23 -9.39
N THR B 125 -30.73 1.08 -8.99
CA THR B 125 -31.80 1.97 -9.45
C THR B 125 -32.01 3.21 -8.50
N CYS B 126 -31.32 3.25 -7.36
CA CYS B 126 -31.42 4.36 -6.40
C CYS B 126 -30.63 5.58 -6.88
N THR B 127 -30.70 6.69 -6.12
CA THR B 127 -29.95 7.89 -6.47
C THR B 127 -28.46 7.63 -6.43
N GLU B 128 -27.67 8.49 -7.03
CA GLU B 128 -26.22 8.32 -7.09
C GLU B 128 -25.58 8.22 -5.72
N ARG B 129 -25.96 9.09 -4.77
CA ARG B 129 -25.36 9.02 -3.44
C ARG B 129 -25.72 7.72 -2.68
N LEU B 130 -26.89 7.18 -2.98
CA LEU B 130 -27.31 5.93 -2.40
C LEU B 130 -26.65 4.72 -3.07
N LYS B 131 -26.14 4.87 -4.30
CA LYS B 131 -25.39 3.85 -5.00
C LYS B 131 -24.03 3.74 -4.30
N LEU B 132 -23.42 4.87 -3.89
CA LEU B 132 -22.13 4.82 -3.20
C LEU B 132 -22.28 4.24 -1.80
N PHE B 133 -23.37 4.60 -1.09
CA PHE B 133 -23.64 4.07 0.24
C PHE B 133 -23.89 2.56 0.12
N ALA B 134 -24.73 2.13 -0.85
CA ALA B 134 -25.00 0.71 -1.08
C ALA B 134 -23.74 -0.06 -1.43
N ALA B 135 -22.84 0.52 -2.27
CA ALA B 135 -21.59 -0.14 -2.66
C ALA B 135 -20.62 -0.31 -1.51
N GLU B 136 -20.51 0.70 -0.63
CA GLU B 136 -19.69 0.68 0.58
C GLU B 136 -20.24 -0.38 1.57
N THR B 137 -21.58 -0.37 1.75
CA THR B 137 -22.32 -1.22 2.68
C THR B 137 -22.22 -2.66 2.25
N LEU B 138 -22.40 -2.93 0.95
CA LEU B 138 -22.31 -4.27 0.41
C LEU B 138 -20.89 -4.79 0.55
N LYS B 139 -19.87 -4.01 0.16
CA LYS B 139 -18.48 -4.45 0.25
C LYS B 139 -18.04 -4.69 1.67
N ALA B 140 -18.51 -3.88 2.60
CA ALA B 140 -18.19 -4.06 4.01
C ALA B 140 -18.88 -5.32 4.52
N THR B 141 -20.14 -5.57 4.08
CA THR B 141 -20.91 -6.76 4.48
C THR B 141 -20.22 -8.02 3.98
N GLU B 142 -19.74 -7.99 2.73
CA GLU B 142 -18.99 -9.05 2.10
C GLU B 142 -17.67 -9.33 2.83
N GLU B 143 -16.88 -8.28 3.23
CA GLU B 143 -15.57 -8.49 3.88
C GLU B 143 -15.72 -9.11 5.25
N THR B 144 -16.75 -8.65 5.98
CA THR B 144 -17.08 -9.08 7.34
C THR B 144 -17.67 -10.51 7.31
N PHE B 145 -18.41 -10.85 6.25
CA PHE B 145 -18.91 -12.18 6.08
C PHE B 145 -17.76 -13.19 5.91
N LYS B 146 -16.60 -12.77 5.39
CA LYS B 146 -15.46 -13.64 5.28
C LYS B 146 -14.94 -14.07 6.66
N LEU B 147 -15.08 -13.21 7.67
CA LEU B 147 -14.67 -13.47 9.06
C LEU B 147 -15.55 -14.50 9.75
N SER B 148 -16.80 -14.70 9.27
CA SER B 148 -17.75 -15.69 9.80
C SER B 148 -17.26 -17.14 9.63
N TYR B 149 -16.41 -17.38 8.64
CA TYR B 149 -15.88 -18.67 8.32
C TYR B 149 -14.82 -19.09 9.33
N GLY B 150 -14.72 -20.40 9.55
CA GLY B 150 -13.74 -20.92 10.48
C GLY B 150 -12.35 -21.07 9.87
N ILE B 151 -11.31 -21.04 10.73
CA ILE B 151 -9.89 -21.21 10.40
C ILE B 151 -9.64 -22.67 10.01
N ALA B 152 -8.85 -22.92 8.93
CA ALA B 152 -8.49 -24.27 8.51
C ALA B 152 -7.00 -24.48 8.86
N THR B 153 -6.67 -25.54 9.59
CA THR B 153 -5.29 -25.81 9.99
C THR B 153 -4.81 -27.12 9.34
N VAL B 154 -3.52 -27.21 8.96
CA VAL B 154 -2.97 -28.45 8.42
C VAL B 154 -2.88 -29.46 9.59
N ARG B 155 -3.54 -30.60 9.42
CA ARG B 155 -3.55 -31.69 10.42
C ARG B 155 -2.47 -32.75 10.06
N GLU B 156 -2.26 -32.97 8.75
CA GLU B 156 -1.33 -33.95 8.22
C GLU B 156 -0.97 -33.52 6.80
N VAL B 157 0.31 -33.39 6.49
CA VAL B 157 0.75 -33.02 5.14
C VAL B 157 0.76 -34.31 4.32
N LEU B 158 -0.45 -34.81 3.95
CA LEU B 158 -0.73 -36.07 3.23
C LEU B 158 0.35 -36.41 2.18
N SER B 159 0.69 -35.43 1.37
CA SER B 159 1.73 -35.53 0.35
C SER B 159 2.01 -34.07 -0.14
N ASP B 160 2.44 -33.91 -1.38
CA ASP B 160 2.64 -32.61 -1.97
C ASP B 160 1.36 -32.26 -2.76
N ARG B 161 1.03 -30.97 -2.85
CA ARG B 161 -0.18 -30.48 -3.52
C ARG B 161 -1.51 -31.02 -2.89
N GLU B 162 -1.42 -31.80 -1.78
CA GLU B 162 -2.57 -32.37 -1.07
C GLU B 162 -2.34 -32.43 0.46
N LEU B 163 -3.34 -31.95 1.25
CA LEU B 163 -3.30 -31.86 2.71
C LEU B 163 -4.56 -32.43 3.40
N HIS B 164 -4.47 -32.72 4.71
CA HIS B 164 -5.60 -33.14 5.53
C HIS B 164 -5.98 -31.94 6.39
N LEU B 165 -7.11 -31.26 6.10
CA LEU B 165 -7.47 -30.07 6.89
C LEU B 165 -8.34 -30.33 8.12
N SER B 166 -8.03 -29.59 9.21
CA SER B 166 -8.72 -29.60 10.50
C SER B 166 -9.43 -28.23 10.60
N TRP B 167 -10.77 -28.22 10.67
CA TRP B 167 -11.53 -26.96 10.67
C TRP B 167 -11.94 -26.46 12.05
N GLU B 168 -12.17 -25.14 12.16
CA GLU B 168 -12.59 -24.52 13.42
C GLU B 168 -14.03 -24.92 13.73
N VAL B 169 -14.29 -25.29 14.98
CA VAL B 169 -15.60 -25.72 15.45
C VAL B 169 -16.52 -24.51 15.73
N GLY B 170 -17.80 -24.62 15.36
CA GLY B 170 -18.76 -23.56 15.60
C GLY B 170 -18.93 -22.57 14.47
N LYS B 171 -17.90 -22.41 13.63
CA LYS B 171 -17.97 -21.51 12.49
C LYS B 171 -18.07 -22.32 11.19
N PRO B 172 -18.95 -21.91 10.25
CA PRO B 172 -19.09 -22.64 9.00
C PRO B 172 -17.81 -22.72 8.17
N ARG B 173 -17.77 -23.68 7.25
CA ARG B 173 -16.63 -23.87 6.38
C ARG B 173 -16.94 -23.22 5.03
N PRO B 174 -16.02 -22.39 4.51
CA PRO B 174 -16.24 -21.76 3.22
C PRO B 174 -16.16 -22.73 2.05
N PRO B 175 -16.89 -22.41 0.96
CA PRO B 175 -16.79 -23.24 -0.26
C PRO B 175 -15.35 -23.33 -0.75
N LEU B 176 -14.99 -24.48 -1.31
CA LEU B 176 -13.64 -24.71 -1.76
C LEU B 176 -13.48 -24.62 -3.28
N ASN B 177 -13.86 -23.46 -3.86
CA ASN B 177 -13.73 -23.17 -5.29
C ASN B 177 -12.78 -21.98 -5.55
N ARG B 178 -12.35 -21.79 -6.82
CA ARG B 178 -11.38 -20.74 -7.19
C ARG B 178 -11.78 -19.33 -6.71
N ASN B 179 -13.07 -19.12 -6.42
CA ASN B 179 -13.61 -17.85 -5.89
C ASN B 179 -13.02 -17.51 -4.51
N TYR B 180 -12.68 -18.53 -3.72
CA TYR B 180 -12.19 -18.36 -2.36
C TYR B 180 -10.66 -18.47 -2.24
N VAL B 181 -9.97 -17.32 -2.03
CA VAL B 181 -8.52 -17.31 -1.89
C VAL B 181 -8.11 -17.10 -0.44
N PHE B 182 -7.52 -18.13 0.15
CA PHE B 182 -7.03 -18.21 1.52
C PHE B 182 -5.63 -17.62 1.64
N THR B 183 -5.14 -17.45 2.87
CA THR B 183 -3.79 -16.98 3.10
C THR B 183 -3.20 -17.86 4.16
N GLY B 184 -2.07 -18.46 3.87
CA GLY B 184 -1.39 -19.29 4.84
C GLY B 184 -0.67 -18.44 5.85
N TYR B 185 -0.48 -18.97 7.06
CA TYR B 185 0.25 -18.33 8.15
C TYR B 185 1.06 -19.36 8.94
N ARG B 186 2.23 -18.95 9.47
CA ARG B 186 3.08 -19.83 10.30
C ARG B 186 3.14 -19.33 11.77
N VAL B 187 2.91 -20.24 12.75
CA VAL B 187 2.83 -19.91 14.18
C VAL B 187 4.18 -19.58 14.81
N THR B 188 4.60 -18.29 14.81
CA THR B 188 5.87 -17.82 15.42
C THR B 188 5.77 -17.81 16.97
N LYS B 189 6.91 -17.64 17.67
CA LYS B 189 6.95 -17.62 19.13
C LYS B 189 5.85 -16.76 19.79
N ASN B 190 5.60 -15.53 19.27
CA ASN B 190 4.54 -14.68 19.85
C ASN B 190 3.53 -14.08 18.83
N SER B 191 3.60 -14.42 17.52
CA SER B 191 2.63 -13.95 16.51
C SER B 191 2.58 -14.86 15.25
N LYS B 192 1.96 -14.41 14.12
CA LYS B 192 1.83 -15.18 12.86
C LYS B 192 2.45 -14.47 11.62
N VAL B 193 3.11 -15.23 10.74
CA VAL B 193 3.75 -14.65 9.55
C VAL B 193 3.06 -15.10 8.24
N GLN B 194 2.70 -14.15 7.31
CA GLN B 194 2.06 -14.44 6.01
C GLN B 194 2.95 -15.40 5.21
N ILE B 195 2.35 -16.45 4.64
CA ILE B 195 3.07 -17.50 3.90
C ILE B 195 2.45 -17.70 2.49
N GLY B 196 1.99 -16.62 1.89
CA GLY B 196 1.41 -16.66 0.56
C GLY B 196 -0.04 -17.08 0.54
N GLU B 197 -0.73 -16.80 -0.57
CA GLU B 197 -2.14 -17.11 -0.75
C GLU B 197 -2.36 -18.55 -1.28
N TYR B 198 -3.53 -19.16 -0.99
CA TYR B 198 -3.82 -20.54 -1.38
C TYR B 198 -5.28 -20.75 -1.77
N THR B 199 -5.58 -21.58 -2.78
CA THR B 199 -6.97 -21.96 -3.08
C THR B 199 -7.12 -23.49 -2.84
N PHE B 200 -8.36 -23.99 -2.69
CA PHE B 200 -8.57 -25.40 -2.42
C PHE B 200 -9.62 -26.08 -3.30
N GLU B 201 -9.65 -27.42 -3.29
CA GLU B 201 -10.58 -28.29 -4.00
C GLU B 201 -10.61 -29.68 -3.29
N LYS B 202 -11.80 -30.32 -3.15
CA LYS B 202 -11.98 -31.62 -2.49
C LYS B 202 -11.03 -32.68 -3.11
N GLY B 203 -10.45 -33.55 -2.27
CA GLY B 203 -9.53 -34.59 -2.73
C GLY B 203 -10.17 -35.95 -3.01
N ALA B 208 -9.77 -34.61 3.48
CA ALA B 208 -8.68 -34.61 2.50
C ALA B 208 -8.88 -33.54 1.40
N VAL B 209 -7.95 -32.57 1.29
CA VAL B 209 -8.03 -31.46 0.32
C VAL B 209 -6.80 -31.35 -0.62
N VAL B 210 -6.95 -30.62 -1.75
CA VAL B 210 -5.91 -30.41 -2.76
C VAL B 210 -5.57 -28.89 -2.86
N TYR B 211 -4.34 -28.48 -2.45
CA TYR B 211 -3.98 -27.06 -2.47
C TYR B 211 -3.34 -26.59 -3.77
N ARG B 212 -3.72 -25.38 -4.22
CA ARG B 212 -3.15 -24.75 -5.40
C ARG B 212 -2.64 -23.36 -4.96
N GLY B 213 -1.47 -23.36 -4.33
CA GLY B 213 -0.90 -22.14 -3.76
C GLY B 213 -0.17 -21.20 -4.69
N THR B 214 -0.29 -19.88 -4.40
CA THR B 214 0.36 -18.78 -5.12
C THR B 214 1.87 -18.64 -4.78
N THR B 215 2.46 -19.70 -4.21
CA THR B 215 3.87 -19.81 -3.80
C THR B 215 4.20 -21.27 -3.44
N THR B 216 5.51 -21.60 -3.39
CA THR B 216 6.00 -22.95 -3.08
C THR B 216 6.55 -23.06 -1.63
N TYR B 217 5.71 -23.57 -0.71
CA TYR B 217 6.13 -23.77 0.67
C TYR B 217 6.02 -25.25 1.01
N LYS B 218 7.03 -25.78 1.73
CA LYS B 218 7.02 -27.18 2.16
C LYS B 218 6.25 -27.23 3.48
N LEU B 219 5.01 -26.68 3.44
CA LEU B 219 4.08 -26.52 4.57
C LEU B 219 4.09 -27.69 5.52
N ASN B 220 4.03 -27.35 6.79
CA ASN B 220 4.02 -28.31 7.85
C ASN B 220 2.71 -28.23 8.67
N VAL B 221 2.42 -29.28 9.45
CA VAL B 221 1.26 -29.42 10.32
C VAL B 221 1.21 -28.24 11.30
N GLY B 222 0.05 -27.61 11.45
CA GLY B 222 -0.08 -26.47 12.34
C GLY B 222 -0.25 -25.16 11.63
N ASP B 223 0.22 -25.05 10.38
CA ASP B 223 0.06 -23.83 9.58
C ASP B 223 -1.43 -23.70 9.25
N TYR B 224 -1.95 -22.50 9.35
CA TYR B 224 -3.38 -22.29 9.13
C TYR B 224 -3.69 -21.33 7.97
N PHE B 225 -4.93 -21.37 7.49
CA PHE B 225 -5.42 -20.63 6.34
C PHE B 225 -6.67 -19.82 6.63
N VAL B 226 -6.67 -18.53 6.32
CA VAL B 226 -7.85 -17.68 6.55
C VAL B 226 -8.08 -16.80 5.30
N LEU B 227 -9.35 -16.55 4.97
CA LEU B 227 -9.69 -15.68 3.86
C LEU B 227 -9.31 -14.23 4.21
N THR B 228 -8.37 -13.60 3.46
CA THR B 228 -7.92 -12.24 3.80
C THR B 228 -9.01 -11.22 3.61
N SER B 229 -9.31 -10.50 4.68
CA SER B 229 -10.32 -9.46 4.71
C SER B 229 -9.59 -8.12 4.66
N HIS B 230 -10.06 -7.21 3.82
CA HIS B 230 -9.43 -5.91 3.71
C HIS B 230 -10.39 -4.80 4.10
N THR B 231 -9.82 -3.67 4.52
CA THR B 231 -10.59 -2.50 4.95
C THR B 231 -11.29 -1.88 3.74
N VAL B 232 -12.62 -1.67 3.85
CA VAL B 232 -13.41 -1.04 2.78
C VAL B 232 -13.34 0.47 3.02
N MET B 233 -12.74 1.22 2.10
CA MET B 233 -12.65 2.67 2.21
C MET B 233 -13.94 3.34 1.76
N PRO B 234 -14.26 4.53 2.28
CA PRO B 234 -15.49 5.20 1.83
C PRO B 234 -15.38 5.78 0.42
N LEU B 235 -16.53 5.92 -0.26
CA LEU B 235 -16.62 6.39 -1.64
C LEU B 235 -17.06 7.83 -1.67
N SER B 236 -16.39 8.67 -2.46
CA SER B 236 -16.71 10.09 -2.61
C SER B 236 -17.24 10.42 -4.04
N ALA B 237 -16.52 9.94 -5.07
CA ALA B 237 -16.83 10.16 -6.49
C ALA B 237 -18.00 9.28 -7.01
N PRO B 238 -18.82 9.79 -7.98
CA PRO B 238 -19.93 8.97 -8.52
C PRO B 238 -19.47 7.73 -9.30
N THR B 239 -20.37 6.81 -9.63
CA THR B 239 -20.02 5.61 -10.41
C THR B 239 -19.71 5.98 -11.86
N LEU B 240 -20.50 6.96 -12.38
CA LEU B 240 -20.41 7.59 -13.68
C LEU B 240 -20.37 9.10 -13.47
N VAL B 241 -19.45 9.78 -14.12
CA VAL B 241 -19.42 11.24 -14.11
C VAL B 241 -20.62 11.73 -14.97
N PRO B 242 -21.02 13.02 -14.89
CA PRO B 242 -22.14 13.49 -15.74
C PRO B 242 -21.74 13.43 -17.21
N GLN B 243 -22.63 12.90 -18.07
CA GLN B 243 -22.33 12.81 -19.47
C GLN B 243 -22.18 14.20 -20.14
N GLU B 244 -21.21 14.33 -21.05
CA GLU B 244 -20.99 15.52 -21.84
C GLU B 244 -20.90 15.08 -23.31
N HIS B 245 -21.63 15.72 -24.20
CA HIS B 245 -21.54 15.43 -25.63
C HIS B 245 -20.94 16.63 -26.28
N TYR B 246 -20.00 16.40 -27.17
CA TYR B 246 -19.29 17.48 -27.85
C TYR B 246 -19.56 17.49 -29.36
N VAL B 247 -19.36 18.66 -29.97
CA VAL B 247 -19.55 18.88 -31.41
C VAL B 247 -18.27 18.56 -32.22
N ARG B 248 -17.10 18.62 -31.56
CA ARG B 248 -15.78 18.34 -32.08
C ARG B 248 -15.07 17.35 -31.14
N ILE B 249 -14.00 16.68 -31.63
CA ILE B 249 -13.15 15.84 -30.77
C ILE B 249 -12.43 16.82 -29.84
N THR B 250 -12.60 16.59 -28.54
CA THR B 250 -12.12 17.47 -27.50
C THR B 250 -10.86 16.97 -26.79
N GLY B 251 -9.84 17.80 -26.72
CA GLY B 251 -8.59 17.52 -26.01
C GLY B 251 -7.72 16.39 -26.51
N LEU B 252 -8.16 15.79 -27.63
CA LEU B 252 -7.46 14.69 -28.25
C LEU B 252 -7.07 15.08 -29.67
N TYR B 253 -5.87 14.66 -30.10
CA TYR B 253 -5.35 14.99 -31.41
C TYR B 253 -5.08 13.71 -32.25
N PRO B 254 -5.97 13.45 -33.24
CA PRO B 254 -5.86 12.24 -34.03
C PRO B 254 -4.72 12.19 -35.03
N THR B 255 -4.28 10.98 -35.34
CA THR B 255 -3.18 10.73 -36.27
C THR B 255 -3.62 11.01 -37.71
N LEU B 256 -2.65 11.31 -38.59
CA LEU B 256 -2.97 11.47 -40.03
C LEU B 256 -2.85 10.11 -40.75
N ASN B 257 -1.87 9.27 -40.30
CA ASN B 257 -1.55 7.94 -40.80
C ASN B 257 -1.84 6.83 -39.76
N ILE B 258 -2.90 6.03 -40.00
CA ILE B 258 -3.26 4.88 -39.17
C ILE B 258 -3.03 3.58 -39.97
N SER B 259 -2.74 2.50 -39.27
CA SER B 259 -2.54 1.18 -39.87
C SER B 259 -3.92 0.64 -40.32
N ASP B 260 -4.00 -0.17 -41.38
CA ASP B 260 -5.27 -0.80 -41.79
C ASP B 260 -5.80 -1.86 -40.78
N GLU B 261 -4.97 -2.19 -39.78
CA GLU B 261 -5.32 -3.09 -38.68
C GLU B 261 -6.30 -2.37 -37.71
N PHE B 262 -6.22 -1.04 -37.59
CA PHE B 262 -7.11 -0.27 -36.72
C PHE B 262 -8.11 0.59 -37.44
N SER B 263 -8.17 0.53 -38.77
CA SER B 263 -9.08 1.32 -39.59
C SER B 263 -10.57 1.01 -39.32
N SER B 264 -10.90 -0.21 -38.88
CA SER B 264 -12.28 -0.57 -38.57
C SER B 264 -12.85 0.20 -37.36
N ASN B 265 -11.95 0.71 -36.51
CA ASN B 265 -12.37 1.43 -35.31
C ASN B 265 -12.18 2.96 -35.41
N VAL B 266 -11.84 3.53 -36.58
CA VAL B 266 -11.61 4.98 -36.69
C VAL B 266 -12.89 5.81 -36.33
N ALA B 267 -14.07 5.39 -36.84
CA ALA B 267 -15.31 6.07 -36.51
C ALA B 267 -15.63 5.95 -35.00
N ASN B 268 -15.26 4.81 -34.38
CA ASN B 268 -15.47 4.57 -32.95
C ASN B 268 -14.50 5.40 -32.10
N TYR B 269 -13.21 5.51 -32.49
CA TYR B 269 -12.23 6.35 -31.79
C TYR B 269 -12.63 7.81 -31.86
N GLN B 270 -13.36 8.23 -32.91
CA GLN B 270 -13.83 9.60 -33.02
C GLN B 270 -15.01 9.82 -32.09
N LYS B 271 -15.92 8.83 -31.99
CA LYS B 271 -17.05 8.87 -31.05
C LYS B 271 -16.50 9.03 -29.60
N VAL B 272 -15.36 8.39 -29.30
CA VAL B 272 -14.64 8.48 -28.03
C VAL B 272 -14.22 9.95 -27.71
N GLY B 273 -13.79 10.71 -28.70
CA GLY B 273 -13.39 12.10 -28.49
C GLY B 273 -14.52 13.12 -28.47
N MET B 274 -15.71 12.71 -28.85
CA MET B 274 -16.91 13.55 -28.93
C MET B 274 -17.98 13.34 -27.82
N GLN B 275 -17.56 12.75 -26.71
CA GLN B 275 -18.34 12.57 -25.50
C GLN B 275 -17.40 12.38 -24.29
N LYS B 276 -17.89 12.65 -23.08
CA LYS B 276 -17.09 12.57 -21.86
C LYS B 276 -16.77 11.08 -21.63
N TYR B 277 -17.79 10.25 -21.60
CA TYR B 277 -17.61 8.83 -21.46
C TYR B 277 -18.36 8.12 -22.57
N SER B 278 -17.86 6.94 -22.93
CA SER B 278 -18.44 6.11 -23.96
C SER B 278 -18.39 4.64 -23.55
N THR B 279 -19.40 3.88 -23.96
CA THR B 279 -19.49 2.46 -23.69
C THR B 279 -19.23 1.62 -24.96
N LEU B 280 -18.46 0.53 -24.80
CA LEU B 280 -18.15 -0.35 -25.90
C LEU B 280 -18.55 -1.78 -25.54
N GLN B 281 -19.62 -2.29 -26.18
CA GLN B 281 -19.99 -3.67 -26.01
C GLN B 281 -19.19 -4.49 -27.04
N GLY B 282 -18.35 -5.38 -26.54
CA GLY B 282 -17.55 -6.24 -27.38
C GLY B 282 -17.77 -7.69 -27.05
N PRO B 283 -18.66 -8.35 -27.82
CA PRO B 283 -18.87 -9.80 -27.67
C PRO B 283 -17.58 -10.61 -27.72
N PRO B 284 -17.62 -11.93 -27.44
CA PRO B 284 -16.38 -12.73 -27.47
C PRO B 284 -15.66 -12.70 -28.83
N GLY B 285 -14.34 -12.50 -28.80
CA GLY B 285 -13.52 -12.52 -30.02
C GLY B 285 -13.80 -11.44 -31.05
N THR B 286 -14.33 -10.29 -30.62
CA THR B 286 -14.67 -9.18 -31.52
C THR B 286 -13.59 -8.08 -31.55
N GLY B 287 -12.54 -8.16 -30.71
CA GLY B 287 -11.42 -7.23 -30.74
C GLY B 287 -11.37 -6.09 -29.73
N LYS B 288 -11.73 -6.39 -28.49
CA LYS B 288 -11.76 -5.40 -27.43
C LYS B 288 -10.34 -4.85 -27.09
N SER B 289 -9.36 -5.76 -26.86
CA SER B 289 -7.97 -5.34 -26.55
C SER B 289 -7.34 -4.58 -27.71
N HIS B 290 -7.68 -4.99 -28.94
CA HIS B 290 -7.20 -4.38 -30.17
C HIS B 290 -7.76 -2.95 -30.28
N PHE B 291 -9.05 -2.78 -29.95
CA PHE B 291 -9.68 -1.47 -29.94
C PHE B 291 -9.02 -0.58 -28.89
N ALA B 292 -8.84 -1.12 -27.66
CA ALA B 292 -8.23 -0.39 -26.57
C ALA B 292 -6.81 0.10 -26.90
N ILE B 293 -5.97 -0.76 -27.51
CA ILE B 293 -4.59 -0.37 -27.82
C ILE B 293 -4.52 0.56 -29.03
N GLY B 294 -5.35 0.29 -30.02
CA GLY B 294 -5.41 1.12 -31.23
C GLY B 294 -5.86 2.54 -30.98
N LEU B 295 -6.64 2.76 -29.91
CA LEU B 295 -7.07 4.08 -29.51
C LEU B 295 -5.83 4.96 -29.17
N ALA B 296 -4.72 4.32 -28.69
CA ALA B 296 -3.47 4.98 -28.39
C ALA B 296 -2.71 5.36 -29.67
N LEU B 297 -2.80 4.52 -30.68
CA LEU B 297 -2.21 4.78 -31.98
C LEU B 297 -3.01 5.91 -32.71
N TYR B 298 -4.32 5.94 -32.51
CA TYR B 298 -5.17 6.97 -33.10
C TYR B 298 -5.01 8.30 -32.41
N TYR B 299 -4.88 8.37 -31.08
CA TYR B 299 -4.62 9.64 -30.40
C TYR B 299 -3.20 9.47 -29.85
N PRO B 300 -2.19 9.64 -30.71
CA PRO B 300 -0.83 9.23 -30.34
C PRO B 300 -0.12 10.07 -29.32
N SER B 301 -0.58 11.30 -29.10
CA SER B 301 -0.01 12.20 -28.08
C SER B 301 -0.74 12.09 -26.71
N ALA B 302 -1.96 11.49 -26.72
CA ALA B 302 -2.81 11.27 -25.55
C ALA B 302 -2.22 10.32 -24.52
N ARG B 303 -2.24 10.74 -23.25
CA ARG B 303 -1.84 9.95 -22.10
C ARG B 303 -3.03 9.03 -21.76
N ILE B 304 -2.82 7.69 -21.86
CA ILE B 304 -3.90 6.76 -21.57
C ILE B 304 -3.61 5.89 -20.37
N VAL B 305 -4.56 5.85 -19.42
CA VAL B 305 -4.49 4.97 -18.28
C VAL B 305 -5.45 3.81 -18.57
N TYR B 306 -4.91 2.58 -18.60
CA TYR B 306 -5.63 1.34 -18.86
C TYR B 306 -5.86 0.69 -17.55
N THR B 307 -7.13 0.40 -17.25
CA THR B 307 -7.52 -0.16 -15.97
C THR B 307 -8.52 -1.28 -16.14
N ALA B 308 -8.53 -2.19 -15.17
CA ALA B 308 -9.42 -3.35 -15.05
C ALA B 308 -9.41 -3.85 -13.58
N CYS B 309 -10.39 -4.63 -13.17
CA CYS B 309 -10.47 -5.13 -11.80
C CYS B 309 -9.38 -6.14 -11.50
N SER B 310 -9.20 -7.10 -12.43
CA SER B 310 -8.23 -8.17 -12.24
C SER B 310 -6.84 -7.89 -12.81
N HIS B 311 -5.82 -8.52 -12.23
CA HIS B 311 -4.46 -8.42 -12.75
C HIS B 311 -4.40 -9.12 -14.11
N ALA B 312 -5.15 -10.23 -14.31
CA ALA B 312 -5.19 -10.92 -15.60
C ALA B 312 -5.68 -9.98 -16.73
N ALA B 313 -6.78 -9.20 -16.50
CA ALA B 313 -7.26 -8.28 -17.53
C ALA B 313 -6.30 -7.12 -17.80
N VAL B 314 -5.58 -6.61 -16.77
CA VAL B 314 -4.59 -5.53 -16.96
C VAL B 314 -3.39 -6.05 -17.78
N ASP B 315 -2.96 -7.29 -17.46
CA ASP B 315 -1.88 -8.03 -18.11
C ASP B 315 -2.19 -8.35 -19.57
N ALA B 316 -3.46 -8.72 -19.90
CA ALA B 316 -3.87 -8.99 -21.27
C ALA B 316 -3.79 -7.66 -22.10
N LEU B 317 -4.06 -6.46 -21.47
CA LEU B 317 -3.91 -5.15 -22.13
C LEU B 317 -2.40 -4.80 -22.32
N CYS B 318 -1.58 -5.18 -21.35
CA CYS B 318 -0.13 -5.02 -21.41
C CYS B 318 0.42 -5.85 -22.58
N GLU B 319 -0.08 -7.09 -22.75
CA GLU B 319 0.38 -7.97 -23.80
C GLU B 319 0.12 -7.37 -25.16
N LYS B 320 -1.08 -6.82 -25.37
CA LYS B 320 -1.48 -6.15 -26.59
C LYS B 320 -0.68 -4.86 -26.78
N ALA B 321 -0.36 -4.12 -25.71
CA ALA B 321 0.43 -2.88 -25.83
C ALA B 321 1.90 -3.15 -26.13
N LEU B 322 2.43 -4.27 -25.64
CA LEU B 322 3.81 -4.65 -25.90
C LEU B 322 4.02 -4.87 -27.45
N LYS B 323 2.96 -5.33 -28.16
CA LYS B 323 2.89 -5.59 -29.60
C LYS B 323 2.65 -4.35 -30.50
N TYR B 324 2.12 -3.21 -29.98
CA TYR B 324 1.85 -2.04 -30.81
C TYR B 324 2.40 -0.69 -30.31
N LEU B 325 2.54 -0.55 -29.01
CA LEU B 325 2.96 0.70 -28.39
C LEU B 325 4.41 0.69 -27.97
N PRO B 326 5.08 1.86 -28.00
CA PRO B 326 6.50 1.90 -27.58
C PRO B 326 6.66 1.50 -26.11
N ILE B 327 7.41 0.43 -25.83
CA ILE B 327 7.62 -0.12 -24.46
C ILE B 327 8.20 0.92 -23.45
N ASP B 328 9.02 1.88 -23.89
CA ASP B 328 9.57 2.90 -22.98
C ASP B 328 8.55 3.94 -22.53
N LYS B 329 7.40 4.05 -23.28
CA LYS B 329 6.23 4.90 -23.00
C LYS B 329 5.17 4.18 -22.11
N CYS B 330 5.44 2.92 -21.69
CA CYS B 330 4.55 2.06 -20.90
C CYS B 330 5.06 1.84 -19.47
N SER B 331 4.12 1.69 -18.54
CA SER B 331 4.42 1.36 -17.17
C SER B 331 3.32 0.49 -16.56
N ARG B 332 3.71 -0.55 -15.83
CA ARG B 332 2.77 -1.43 -15.16
C ARG B 332 2.84 -1.12 -13.65
N ILE B 333 1.76 -0.54 -13.08
CA ILE B 333 1.69 -0.18 -11.66
C ILE B 333 1.36 -1.42 -10.83
N ILE B 334 2.28 -1.80 -9.92
CA ILE B 334 2.13 -2.98 -9.06
C ILE B 334 2.09 -2.53 -7.61
N PRO B 335 1.00 -2.87 -6.87
CA PRO B 335 0.97 -2.51 -5.43
C PRO B 335 1.99 -3.35 -4.64
N ALA B 336 2.68 -2.75 -3.65
CA ALA B 336 3.66 -3.51 -2.85
C ALA B 336 2.95 -4.59 -2.02
N VAL B 340 1.24 -11.80 -5.68
CA VAL B 340 0.62 -11.86 -7.01
C VAL B 340 1.63 -11.59 -8.13
N GLU B 341 1.75 -12.52 -9.11
CA GLU B 341 2.69 -12.31 -10.21
C GLU B 341 1.97 -11.88 -11.49
N CYS B 342 2.43 -10.74 -12.00
CA CYS B 342 1.81 -10.14 -13.15
C CYS B 342 2.84 -9.80 -14.28
N PHE B 343 2.55 -8.80 -15.12
CA PHE B 343 3.34 -8.40 -16.28
C PHE B 343 4.64 -7.75 -15.86
N ASP B 344 5.79 -8.24 -16.35
CA ASP B 344 7.07 -7.67 -15.93
C ASP B 344 7.91 -7.07 -17.05
N LYS B 345 7.28 -6.72 -18.17
CA LYS B 345 8.05 -6.18 -19.29
C LYS B 345 8.11 -4.62 -19.28
N PHE B 346 7.15 -3.96 -18.62
CA PHE B 346 7.17 -2.50 -18.57
C PHE B 346 7.92 -2.00 -17.34
N LYS B 347 8.41 -0.72 -17.37
CA LYS B 347 9.05 -0.14 -16.19
C LYS B 347 8.01 -0.04 -15.08
N VAL B 348 8.27 -0.70 -13.94
CA VAL B 348 7.29 -0.76 -12.86
C VAL B 348 7.17 0.53 -12.05
N ASN B 349 5.91 0.93 -11.80
CA ASN B 349 5.47 2.03 -10.95
C ASN B 349 5.89 3.42 -11.40
N SER B 350 6.14 3.61 -12.69
CA SER B 350 6.46 4.93 -13.21
C SER B 350 5.12 5.57 -13.57
N THR B 351 4.46 6.15 -12.54
CA THR B 351 3.15 6.81 -12.59
C THR B 351 3.05 7.86 -13.73
N LEU B 352 4.17 8.54 -14.03
CA LEU B 352 4.19 9.61 -15.03
C LEU B 352 4.28 9.19 -16.51
N GLU B 353 4.38 7.88 -16.80
CA GLU B 353 4.48 7.38 -18.16
C GLU B 353 3.22 7.65 -18.98
N GLN B 354 3.37 7.79 -20.31
CA GLN B 354 2.26 8.06 -21.22
C GLN B 354 1.20 6.98 -21.16
N TYR B 355 1.60 5.72 -21.04
CA TYR B 355 0.71 4.57 -20.95
C TYR B 355 0.89 3.89 -19.61
N VAL B 356 -0.12 3.96 -18.74
CA VAL B 356 -0.10 3.39 -17.40
C VAL B 356 -1.13 2.27 -17.31
N PHE B 357 -0.70 1.06 -17.00
CA PHE B 357 -1.55 -0.12 -16.93
C PHE B 357 -1.60 -0.49 -15.46
N CYS B 358 -2.79 -0.51 -14.88
CA CYS B 358 -2.94 -0.69 -13.45
C CYS B 358 -4.34 -1.22 -13.06
N THR B 359 -4.41 -2.10 -12.03
CA THR B 359 -5.70 -2.58 -11.51
C THR B 359 -6.42 -1.41 -10.78
N VAL B 360 -7.75 -1.49 -10.66
CA VAL B 360 -8.52 -0.44 -9.98
C VAL B 360 -8.04 -0.15 -8.53
N ASN B 361 -7.78 -1.19 -7.69
CA ASN B 361 -7.37 -0.94 -6.30
C ASN B 361 -5.97 -0.35 -6.15
N ALA B 362 -5.10 -0.51 -7.16
CA ALA B 362 -3.76 0.07 -7.07
C ALA B 362 -3.64 1.45 -7.76
N LEU B 363 -4.73 1.97 -8.32
CA LEU B 363 -4.72 3.23 -9.06
C LEU B 363 -4.20 4.40 -8.29
N PRO B 364 -3.22 5.12 -8.84
CA PRO B 364 -2.76 6.33 -8.17
C PRO B 364 -3.69 7.53 -8.43
N GLU B 365 -3.49 8.62 -7.67
CA GLU B 365 -4.26 9.86 -7.83
C GLU B 365 -3.58 10.55 -8.99
N THR B 366 -4.18 10.49 -10.17
CA THR B 366 -3.58 11.08 -11.36
C THR B 366 -4.67 11.57 -12.35
N THR B 367 -4.24 12.21 -13.45
CA THR B 367 -5.11 12.67 -14.52
C THR B 367 -4.70 12.01 -15.86
N ALA B 368 -5.63 11.92 -16.81
CA ALA B 368 -5.35 11.30 -18.10
C ALA B 368 -6.16 11.92 -19.23
N ASP B 369 -5.66 11.80 -20.47
CA ASP B 369 -6.41 12.26 -21.64
C ASP B 369 -7.57 11.27 -21.88
N ILE B 370 -7.30 9.97 -21.78
CA ILE B 370 -8.30 8.93 -21.84
C ILE B 370 -8.04 7.90 -20.72
N VAL B 371 -9.11 7.41 -20.13
CA VAL B 371 -9.05 6.30 -19.21
C VAL B 371 -9.83 5.19 -19.88
N VAL B 372 -9.20 4.01 -20.07
CA VAL B 372 -9.89 2.88 -20.67
C VAL B 372 -10.10 1.86 -19.53
N PHE B 373 -11.36 1.52 -19.22
CA PHE B 373 -11.71 0.55 -18.18
C PHE B 373 -12.23 -0.67 -18.94
N ASP B 374 -11.45 -1.77 -18.92
CA ASP B 374 -11.79 -3.02 -19.58
C ASP B 374 -12.45 -4.03 -18.63
N GLU B 375 -13.17 -5.01 -19.22
CA GLU B 375 -13.93 -6.10 -18.59
C GLU B 375 -14.95 -5.48 -17.63
N ILE B 376 -15.78 -4.59 -18.19
CA ILE B 376 -16.75 -3.79 -17.45
C ILE B 376 -17.86 -4.64 -16.79
N SER B 377 -18.23 -5.83 -17.33
CA SER B 377 -19.24 -6.64 -16.64
C SER B 377 -18.70 -7.13 -15.28
N MET B 378 -17.36 -7.32 -15.13
CA MET B 378 -16.69 -7.73 -13.87
C MET B 378 -16.55 -6.62 -12.81
N ALA B 379 -16.82 -5.37 -13.18
CA ALA B 379 -16.73 -4.26 -12.24
C ALA B 379 -17.98 -4.20 -11.37
N THR B 380 -17.81 -3.68 -10.17
CA THR B 380 -18.92 -3.37 -9.26
C THR B 380 -19.03 -1.83 -9.24
N ASN B 381 -20.12 -1.31 -8.66
CA ASN B 381 -20.25 0.15 -8.52
C ASN B 381 -19.18 0.74 -7.62
N TYR B 382 -18.64 -0.07 -6.70
CA TYR B 382 -17.55 0.32 -5.85
C TYR B 382 -16.32 0.63 -6.73
N ASP B 383 -15.96 -0.30 -7.66
CA ASP B 383 -14.86 -0.15 -8.61
C ASP B 383 -15.04 1.10 -9.51
N LEU B 384 -16.26 1.29 -10.05
CA LEU B 384 -16.65 2.43 -10.87
C LEU B 384 -16.34 3.76 -10.17
N SER B 385 -16.73 3.88 -8.90
CA SER B 385 -16.53 5.06 -8.05
C SER B 385 -15.06 5.30 -7.74
N VAL B 386 -14.27 4.22 -7.45
CA VAL B 386 -12.84 4.34 -7.15
C VAL B 386 -12.09 4.96 -8.34
N VAL B 387 -12.38 4.45 -9.56
CA VAL B 387 -11.77 4.95 -10.79
C VAL B 387 -12.07 6.46 -10.96
N ASN B 388 -13.32 6.91 -10.68
CA ASN B 388 -13.66 8.33 -10.81
C ASN B 388 -12.98 9.19 -9.74
N ALA B 389 -12.64 8.60 -8.58
CA ALA B 389 -11.95 9.28 -7.47
C ALA B 389 -10.46 9.39 -7.71
N ARG B 390 -9.83 8.31 -8.22
CA ARG B 390 -8.40 8.29 -8.43
C ARG B 390 -7.98 9.01 -9.75
N LEU B 391 -8.81 8.91 -10.83
CA LEU B 391 -8.48 9.41 -12.16
C LEU B 391 -9.39 10.53 -12.67
N ARG B 392 -8.82 11.72 -12.90
CA ARG B 392 -9.60 12.83 -13.50
C ARG B 392 -9.24 12.86 -15.02
N ALA B 393 -10.14 12.38 -15.89
CA ALA B 393 -9.84 12.28 -17.31
C ALA B 393 -10.71 13.13 -18.26
N LYS B 394 -10.15 13.50 -19.45
CA LYS B 394 -10.93 14.21 -20.49
C LYS B 394 -11.99 13.24 -21.05
N HIS B 395 -11.61 11.96 -21.22
CA HIS B 395 -12.48 10.91 -21.74
C HIS B 395 -12.35 9.61 -20.98
N TYR B 396 -13.46 8.91 -20.84
CA TYR B 396 -13.51 7.63 -20.13
C TYR B 396 -14.15 6.64 -21.08
N VAL B 397 -13.51 5.49 -21.29
CA VAL B 397 -14.05 4.48 -22.17
C VAL B 397 -14.24 3.21 -21.39
N TYR B 398 -15.46 2.70 -21.40
CA TYR B 398 -15.81 1.50 -20.68
C TYR B 398 -15.99 0.41 -21.68
N ILE B 399 -15.13 -0.60 -21.61
CA ILE B 399 -15.13 -1.74 -22.53
C ILE B 399 -15.45 -3.03 -21.81
N GLY B 400 -16.37 -3.80 -22.37
CA GLY B 400 -16.76 -5.06 -21.82
C GLY B 400 -17.95 -5.61 -22.55
N ASP B 401 -18.73 -6.44 -21.87
CA ASP B 401 -19.89 -7.06 -22.47
C ASP B 401 -20.87 -7.43 -21.37
N PRO B 402 -22.06 -6.77 -21.34
CA PRO B 402 -23.08 -7.13 -20.33
C PRO B 402 -23.69 -8.52 -20.54
N ALA B 403 -23.38 -9.20 -21.66
CA ALA B 403 -23.81 -10.59 -21.92
C ALA B 403 -22.76 -11.62 -21.43
N GLN B 404 -21.68 -11.15 -20.78
CA GLN B 404 -20.66 -11.96 -20.12
C GLN B 404 -20.83 -11.90 -18.59
N LEU B 405 -20.01 -12.65 -17.88
CA LEU B 405 -20.12 -12.78 -16.45
C LEU B 405 -19.76 -11.52 -15.60
N PRO B 406 -20.59 -11.30 -14.55
CA PRO B 406 -20.31 -10.20 -13.63
C PRO B 406 -19.35 -10.65 -12.52
N ALA B 407 -19.05 -9.75 -11.59
CA ALA B 407 -18.24 -10.09 -10.43
C ALA B 407 -19.08 -11.05 -9.56
N PRO B 408 -18.42 -12.04 -8.95
CA PRO B 408 -19.16 -12.95 -8.08
C PRO B 408 -19.73 -12.14 -6.90
N ARG B 409 -21.03 -12.31 -6.65
CA ARG B 409 -21.65 -11.66 -5.53
C ARG B 409 -21.79 -12.77 -4.51
N THR B 410 -20.73 -12.96 -3.66
CA THR B 410 -20.64 -14.02 -2.64
C THR B 410 -21.85 -14.08 -1.72
N LEU B 411 -22.47 -12.93 -1.38
CA LEU B 411 -23.63 -12.94 -0.49
C LEU B 411 -24.93 -13.29 -1.17
N LEU B 412 -25.06 -13.01 -2.48
CA LEU B 412 -26.33 -13.24 -3.18
C LEU B 412 -26.59 -14.73 -3.44
N THR B 413 -27.71 -15.22 -2.90
CA THR B 413 -28.12 -16.63 -2.99
C THR B 413 -29.61 -16.78 -3.41
N LYS B 414 -30.41 -15.71 -3.36
CA LYS B 414 -31.82 -15.80 -3.70
C LYS B 414 -32.18 -14.83 -4.81
N GLY B 415 -32.42 -15.39 -5.98
CA GLY B 415 -32.77 -14.60 -7.15
C GLY B 415 -31.60 -14.48 -8.10
N THR B 416 -31.89 -14.15 -9.37
CA THR B 416 -30.84 -13.97 -10.37
C THR B 416 -30.57 -12.48 -10.62
N LEU B 417 -29.29 -12.12 -10.70
CA LEU B 417 -28.88 -10.74 -10.97
C LEU B 417 -28.81 -10.48 -12.48
N GLU B 418 -29.78 -9.75 -13.03
CA GLU B 418 -29.82 -9.43 -14.46
C GLU B 418 -28.71 -8.42 -14.89
N PRO B 419 -28.19 -8.55 -16.15
CA PRO B 419 -27.12 -7.66 -16.64
C PRO B 419 -27.28 -6.15 -16.42
N GLU B 420 -28.51 -5.62 -16.49
CA GLU B 420 -28.76 -4.19 -16.25
C GLU B 420 -28.50 -3.78 -14.79
N TYR B 421 -28.19 -4.74 -13.88
CA TYR B 421 -27.93 -4.45 -12.49
C TYR B 421 -26.50 -4.81 -12.04
N PHE B 422 -25.59 -5.13 -12.99
CA PHE B 422 -24.21 -5.50 -12.65
C PHE B 422 -23.50 -4.28 -12.14
N ASN B 423 -23.64 -3.16 -12.84
CA ASN B 423 -23.08 -1.87 -12.46
C ASN B 423 -23.78 -0.76 -13.27
N SER B 424 -23.41 0.52 -13.05
CA SER B 424 -24.06 1.63 -13.75
C SER B 424 -23.81 1.58 -15.26
N VAL B 425 -22.57 1.19 -15.65
CA VAL B 425 -22.15 1.07 -17.04
C VAL B 425 -23.00 0.03 -17.75
N CYS B 426 -23.19 -1.13 -17.12
CA CYS B 426 -24.01 -2.19 -17.67
C CYS B 426 -25.45 -1.79 -17.71
N ARG B 427 -25.93 -1.05 -16.69
CA ARG B 427 -27.29 -0.54 -16.64
C ARG B 427 -27.56 0.32 -17.88
N LEU B 428 -26.59 1.17 -18.24
CA LEU B 428 -26.64 1.99 -19.45
C LEU B 428 -26.66 1.13 -20.72
N MET B 429 -25.68 0.20 -20.91
CA MET B 429 -25.60 -0.68 -22.09
C MET B 429 -26.87 -1.49 -22.33
N LYS B 430 -27.62 -1.76 -21.27
CA LYS B 430 -28.81 -2.58 -21.36
C LYS B 430 -30.11 -1.77 -21.53
N THR B 431 -30.09 -0.48 -21.16
CA THR B 431 -31.27 0.37 -21.24
C THR B 431 -31.19 1.30 -22.50
N ILE B 432 -30.19 2.22 -22.56
CA ILE B 432 -30.00 3.13 -23.72
C ILE B 432 -29.11 2.53 -24.85
N GLY B 433 -28.65 1.28 -24.65
CA GLY B 433 -27.73 0.63 -25.57
C GLY B 433 -26.31 1.13 -25.41
N PRO B 434 -25.33 0.37 -25.94
CA PRO B 434 -23.95 0.83 -25.86
C PRO B 434 -23.66 1.88 -26.94
N ASP B 435 -22.64 2.71 -26.70
CA ASP B 435 -22.28 3.73 -27.69
C ASP B 435 -21.66 3.06 -28.92
N MET B 436 -20.83 2.02 -28.67
CA MET B 436 -20.13 1.35 -29.73
C MET B 436 -20.27 -0.15 -29.59
N PHE B 437 -20.39 -0.84 -30.71
CA PHE B 437 -20.55 -2.28 -30.69
C PHE B 437 -19.60 -2.96 -31.71
N LEU B 438 -18.70 -3.89 -31.22
CA LEU B 438 -17.82 -4.69 -32.09
C LEU B 438 -18.66 -5.85 -32.60
N GLY B 439 -19.18 -5.72 -33.81
CA GLY B 439 -20.13 -6.66 -34.37
C GLY B 439 -19.63 -7.91 -35.06
N THR B 440 -18.29 -8.11 -35.20
CA THR B 440 -17.81 -9.31 -35.89
C THR B 440 -16.95 -10.21 -35.00
N CYS B 441 -17.44 -11.41 -34.76
CA CYS B 441 -16.71 -12.40 -33.99
C CYS B 441 -15.74 -13.11 -34.90
N ARG B 442 -14.45 -12.99 -34.62
CA ARG B 442 -13.41 -13.64 -35.42
C ARG B 442 -12.93 -14.99 -34.82
N ARG B 443 -13.41 -15.36 -33.64
CA ARG B 443 -12.93 -16.55 -32.98
C ARG B 443 -13.73 -17.82 -33.26
N CYS B 444 -15.04 -17.72 -33.24
CA CYS B 444 -15.89 -18.89 -33.20
C CYS B 444 -16.42 -19.39 -34.53
N PRO B 445 -16.64 -20.74 -34.61
CA PRO B 445 -17.35 -21.32 -35.77
C PRO B 445 -18.73 -20.65 -35.89
N ALA B 446 -19.27 -20.47 -37.10
CA ALA B 446 -20.55 -19.79 -37.25
C ALA B 446 -21.71 -20.39 -36.45
N GLU B 447 -21.74 -21.72 -36.16
CA GLU B 447 -22.82 -22.33 -35.34
C GLU B 447 -22.93 -21.68 -33.94
N ILE B 448 -21.75 -21.43 -33.30
CA ILE B 448 -21.62 -20.80 -32.00
C ILE B 448 -21.98 -19.31 -32.13
N VAL B 449 -21.49 -18.63 -33.17
CA VAL B 449 -21.77 -17.21 -33.34
C VAL B 449 -23.28 -16.98 -33.56
N ASP B 450 -23.91 -17.86 -34.34
CA ASP B 450 -25.34 -17.77 -34.63
C ASP B 450 -26.19 -18.00 -33.38
N THR B 451 -25.77 -18.93 -32.50
CA THR B 451 -26.46 -19.26 -31.26
C THR B 451 -26.46 -18.08 -30.27
N VAL B 452 -25.26 -17.53 -29.92
CA VAL B 452 -25.13 -16.45 -28.97
C VAL B 452 -25.63 -15.12 -29.56
N SER B 453 -25.55 -14.93 -30.87
CA SER B 453 -26.11 -13.75 -31.54
C SER B 453 -27.64 -13.70 -31.29
N ALA B 454 -28.35 -14.83 -31.47
CA ALA B 454 -29.79 -14.90 -31.21
C ALA B 454 -30.12 -14.90 -29.71
N LEU B 455 -29.25 -15.51 -28.90
CA LEU B 455 -29.45 -15.64 -27.47
C LEU B 455 -29.29 -14.35 -26.68
N VAL B 456 -28.17 -13.62 -26.86
CA VAL B 456 -27.89 -12.44 -26.04
C VAL B 456 -27.57 -11.14 -26.83
N TYR B 457 -27.47 -11.18 -28.18
CA TYR B 457 -27.06 -9.99 -28.95
C TYR B 457 -28.09 -9.47 -29.94
N ASP B 458 -29.40 -9.75 -29.77
CA ASP B 458 -30.49 -9.28 -30.66
C ASP B 458 -30.24 -9.55 -32.16
N ASN B 459 -29.53 -10.63 -32.48
CA ASN B 459 -29.18 -11.05 -33.84
C ASN B 459 -28.19 -10.12 -34.53
N LYS B 460 -27.37 -9.39 -33.75
CA LYS B 460 -26.42 -8.44 -34.35
C LYS B 460 -24.95 -8.88 -34.31
N LEU B 461 -24.65 -10.08 -33.77
CA LEU B 461 -23.27 -10.54 -33.78
C LEU B 461 -23.09 -11.34 -35.07
N LYS B 462 -22.09 -10.96 -35.88
CA LYS B 462 -21.82 -11.55 -37.18
C LYS B 462 -20.59 -12.48 -37.17
N ALA B 463 -20.70 -13.64 -37.84
CA ALA B 463 -19.60 -14.60 -37.86
C ALA B 463 -18.59 -14.29 -38.93
N HIS B 464 -17.31 -14.24 -38.55
CA HIS B 464 -16.23 -14.09 -39.51
C HIS B 464 -15.87 -15.49 -40.05
N LYS B 465 -15.72 -16.48 -39.18
CA LYS B 465 -15.47 -17.86 -39.63
C LYS B 465 -16.74 -18.46 -40.25
N ASP B 466 -16.56 -19.52 -41.04
CA ASP B 466 -17.68 -20.26 -41.60
C ASP B 466 -18.14 -21.28 -40.50
N LYS B 467 -19.25 -22.02 -40.76
CA LYS B 467 -19.66 -23.10 -39.87
C LYS B 467 -18.54 -24.16 -39.92
N SER B 468 -18.05 -24.58 -38.77
CA SER B 468 -16.99 -25.57 -38.70
C SER B 468 -17.47 -27.01 -38.91
N ALA B 469 -18.79 -27.26 -38.77
CA ALA B 469 -19.44 -28.60 -38.79
C ALA B 469 -18.90 -29.53 -37.68
N GLN B 470 -18.28 -28.93 -36.65
CA GLN B 470 -17.69 -29.58 -35.49
C GLN B 470 -18.36 -29.09 -34.18
N CYS B 471 -19.63 -28.66 -34.24
CA CYS B 471 -20.37 -28.16 -33.10
C CYS B 471 -21.51 -29.11 -32.86
N PHE B 472 -21.48 -29.82 -31.73
CA PHE B 472 -22.41 -30.87 -31.38
C PHE B 472 -23.12 -30.65 -30.06
N LYS B 473 -24.32 -31.20 -29.96
CA LYS B 473 -25.13 -31.09 -28.77
C LYS B 473 -25.87 -32.43 -28.51
N MET B 474 -25.96 -32.81 -27.23
N MET B 474 -25.98 -32.79 -27.23
CA MET B 474 -26.70 -34.00 -26.83
CA MET B 474 -26.66 -33.98 -26.80
C MET B 474 -27.54 -33.64 -25.65
C MET B 474 -27.55 -33.61 -25.65
N PHE B 475 -28.77 -34.13 -25.66
CA PHE B 475 -29.68 -33.88 -24.57
C PHE B 475 -29.58 -35.11 -23.64
N TYR B 476 -28.86 -34.96 -22.51
CA TYR B 476 -28.66 -36.05 -21.58
C TYR B 476 -28.71 -35.58 -20.13
N LYS B 477 -29.81 -35.85 -19.42
CA LYS B 477 -29.96 -35.44 -18.02
C LYS B 477 -28.98 -36.10 -17.05
N GLY B 478 -28.68 -37.38 -17.27
CA GLY B 478 -27.77 -38.13 -16.42
C GLY B 478 -28.24 -38.34 -14.98
N VAL B 479 -27.31 -38.22 -14.03
CA VAL B 479 -27.59 -38.38 -12.62
C VAL B 479 -26.83 -37.26 -11.92
N ILE B 480 -27.55 -36.44 -11.16
CA ILE B 480 -26.94 -35.34 -10.44
C ILE B 480 -26.66 -35.75 -9.00
N THR B 481 -25.39 -35.74 -8.64
CA THR B 481 -24.93 -35.96 -7.29
C THR B 481 -24.41 -34.61 -6.77
N HIS B 482 -24.63 -34.39 -5.47
CA HIS B 482 -24.30 -33.15 -4.79
C HIS B 482 -23.32 -33.43 -3.72
N ASP B 483 -22.39 -32.51 -3.55
CA ASP B 483 -21.47 -32.59 -2.43
C ASP B 483 -21.71 -31.33 -1.55
N VAL B 484 -20.71 -30.91 -0.77
CA VAL B 484 -20.87 -29.80 0.15
C VAL B 484 -21.33 -28.50 -0.54
N SER B 485 -20.65 -28.06 -1.63
CA SER B 485 -21.02 -26.81 -2.29
C SER B 485 -21.01 -26.87 -3.82
N SER B 486 -21.22 -28.08 -4.40
CA SER B 486 -21.12 -28.22 -5.85
C SER B 486 -21.93 -29.41 -6.40
N ALA B 487 -22.02 -29.53 -7.76
CA ALA B 487 -22.70 -30.63 -8.42
C ALA B 487 -21.74 -31.47 -9.30
N ILE B 488 -22.12 -32.72 -9.50
CA ILE B 488 -21.42 -33.72 -10.31
C ILE B 488 -22.50 -34.49 -11.12
N ASN B 489 -22.20 -34.78 -12.37
CA ASN B 489 -23.05 -35.57 -13.24
C ASN B 489 -22.11 -36.59 -13.91
N ARG B 490 -21.89 -37.72 -13.23
CA ARG B 490 -20.99 -38.78 -13.74
C ARG B 490 -21.47 -39.34 -15.06
N PRO B 491 -22.79 -39.66 -15.26
CA PRO B 491 -23.23 -40.13 -16.59
C PRO B 491 -22.91 -39.15 -17.73
N GLN B 492 -22.90 -37.80 -17.49
CA GLN B 492 -22.53 -36.83 -18.52
C GLN B 492 -21.05 -36.92 -18.83
N ILE B 493 -20.18 -37.15 -17.83
CA ILE B 493 -18.75 -37.38 -18.05
C ILE B 493 -18.55 -38.72 -18.80
N GLY B 494 -19.39 -39.71 -18.53
CA GLY B 494 -19.38 -41.02 -19.18
C GLY B 494 -19.76 -40.92 -20.65
N VAL B 495 -20.72 -40.06 -20.98
CA VAL B 495 -21.11 -39.83 -22.37
C VAL B 495 -19.91 -39.18 -23.12
N VAL B 496 -19.17 -38.27 -22.45
CA VAL B 496 -17.99 -37.60 -23.00
C VAL B 496 -16.87 -38.59 -23.22
N ARG B 497 -16.67 -39.51 -22.26
CA ARG B 497 -15.67 -40.58 -22.33
C ARG B 497 -15.95 -41.46 -23.57
N GLU B 498 -17.23 -41.86 -23.80
CA GLU B 498 -17.65 -42.65 -24.96
C GLU B 498 -17.37 -41.85 -26.25
N PHE B 499 -17.71 -40.56 -26.25
CA PHE B 499 -17.48 -39.66 -27.38
C PHE B 499 -15.99 -39.55 -27.72
N LEU B 500 -15.12 -39.37 -26.71
CA LEU B 500 -13.68 -39.24 -26.90
C LEU B 500 -13.06 -40.49 -27.51
N THR B 501 -13.56 -41.71 -27.16
CA THR B 501 -13.03 -42.94 -27.74
C THR B 501 -13.33 -43.03 -29.24
N ARG B 502 -14.50 -42.50 -29.66
CA ARG B 502 -14.92 -42.48 -31.04
C ARG B 502 -14.43 -41.27 -31.85
N ASN B 503 -13.90 -40.22 -31.19
CA ASN B 503 -13.46 -38.95 -31.80
C ASN B 503 -12.16 -38.49 -31.14
N PRO B 504 -11.07 -39.26 -31.27
CA PRO B 504 -9.83 -38.91 -30.57
C PRO B 504 -9.19 -37.56 -30.93
N ALA B 505 -9.60 -36.89 -32.03
CA ALA B 505 -9.05 -35.53 -32.30
C ALA B 505 -9.42 -34.56 -31.15
N TRP B 506 -10.58 -34.83 -30.49
CA TRP B 506 -11.10 -34.10 -29.34
C TRP B 506 -10.33 -34.31 -28.07
N ARG B 507 -9.24 -35.09 -28.10
CA ARG B 507 -8.41 -35.25 -26.93
C ARG B 507 -7.65 -33.98 -26.63
N LYS B 508 -7.48 -33.08 -27.61
CA LYS B 508 -6.84 -31.78 -27.38
C LYS B 508 -7.83 -30.74 -26.75
N ALA B 509 -9.12 -31.15 -26.46
CA ALA B 509 -10.18 -30.29 -25.94
C ALA B 509 -10.01 -29.91 -24.48
N VAL B 510 -10.55 -28.73 -24.12
CA VAL B 510 -10.66 -28.27 -22.75
C VAL B 510 -12.03 -28.63 -22.28
N PHE B 511 -12.15 -29.21 -21.08
CA PHE B 511 -13.41 -29.60 -20.43
C PHE B 511 -13.93 -28.39 -19.61
N ILE B 512 -15.16 -27.97 -19.91
CA ILE B 512 -15.78 -26.86 -19.20
C ILE B 512 -17.12 -27.29 -18.62
N SER B 513 -17.40 -26.83 -17.41
CA SER B 513 -18.67 -27.06 -16.73
C SER B 513 -18.95 -25.92 -15.74
N PRO B 514 -20.20 -25.78 -15.27
CA PRO B 514 -20.50 -24.74 -14.27
C PRO B 514 -20.04 -25.04 -12.83
N TYR B 515 -19.49 -26.25 -12.55
CA TYR B 515 -19.10 -26.65 -11.19
C TYR B 515 -17.69 -27.18 -11.13
N ASN B 516 -16.89 -26.75 -10.17
CA ASN B 516 -15.53 -27.26 -9.98
C ASN B 516 -15.50 -28.74 -9.58
N SER B 517 -16.57 -29.24 -8.94
CA SER B 517 -16.63 -30.66 -8.55
C SER B 517 -16.88 -31.55 -9.75
N GLN B 518 -17.64 -31.07 -10.75
CA GLN B 518 -17.83 -31.80 -11.99
C GLN B 518 -16.46 -31.87 -12.72
N ASN B 519 -15.73 -30.73 -12.75
CA ASN B 519 -14.40 -30.53 -13.31
C ASN B 519 -13.30 -31.40 -12.64
N ALA B 520 -13.42 -31.67 -11.35
CA ALA B 520 -12.45 -32.50 -10.64
C ALA B 520 -12.63 -33.99 -11.04
N VAL B 521 -13.91 -34.43 -11.16
CA VAL B 521 -14.28 -35.77 -11.59
C VAL B 521 -13.92 -35.97 -13.07
N ALA B 522 -14.20 -34.95 -13.93
CA ALA B 522 -13.87 -35.05 -15.35
C ALA B 522 -12.35 -35.07 -15.56
N SER B 523 -11.56 -34.37 -14.71
CA SER B 523 -10.12 -34.35 -14.86
C SER B 523 -9.51 -35.75 -14.67
N LYS B 524 -9.96 -36.47 -13.64
CA LYS B 524 -9.46 -37.81 -13.35
C LYS B 524 -9.93 -38.86 -14.38
N ILE B 525 -11.18 -38.78 -14.82
CA ILE B 525 -11.77 -39.73 -15.79
C ILE B 525 -11.36 -39.47 -17.26
N LEU B 526 -11.39 -38.22 -17.70
CA LEU B 526 -11.09 -37.85 -19.08
C LEU B 526 -9.63 -37.50 -19.32
N GLY B 527 -9.00 -36.92 -18.33
CA GLY B 527 -7.63 -36.48 -18.48
C GLY B 527 -7.47 -35.14 -19.18
N LEU B 528 -8.59 -34.53 -19.61
CA LEU B 528 -8.60 -33.23 -20.27
C LEU B 528 -8.31 -32.11 -19.29
N PRO B 529 -7.69 -31.01 -19.74
CA PRO B 529 -7.60 -29.83 -18.86
C PRO B 529 -9.02 -29.30 -18.60
N THR B 530 -9.30 -28.85 -17.38
CA THR B 530 -10.62 -28.35 -17.02
C THR B 530 -10.59 -26.85 -16.70
N GLN B 531 -11.73 -26.20 -16.90
CA GLN B 531 -12.02 -24.79 -16.60
C GLN B 531 -13.46 -24.70 -16.15
N THR B 532 -13.75 -23.87 -15.14
CA THR B 532 -15.16 -23.59 -14.86
C THR B 532 -15.51 -22.52 -15.90
N VAL B 533 -16.78 -22.31 -16.18
CA VAL B 533 -17.19 -21.25 -17.12
C VAL B 533 -16.61 -19.86 -16.70
N ASP B 534 -16.70 -19.57 -15.41
CA ASP B 534 -16.25 -18.33 -14.82
C ASP B 534 -14.73 -18.14 -14.95
N SER B 535 -13.92 -19.22 -14.83
CA SER B 535 -12.48 -19.08 -15.02
C SER B 535 -12.04 -19.13 -16.49
N SER B 536 -12.92 -19.61 -17.38
CA SER B 536 -12.64 -19.66 -18.81
C SER B 536 -12.84 -18.28 -19.47
N GLN B 537 -13.58 -17.32 -18.83
CA GLN B 537 -13.86 -15.97 -19.37
C GLN B 537 -12.59 -15.30 -19.84
N GLY B 538 -12.61 -14.83 -21.09
CA GLY B 538 -11.46 -14.19 -21.72
C GLY B 538 -10.43 -15.13 -22.35
N SER B 539 -10.62 -16.46 -22.23
CA SER B 539 -9.73 -17.49 -22.80
C SER B 539 -10.36 -18.16 -24.04
N GLU B 540 -9.50 -18.76 -24.90
CA GLU B 540 -9.99 -19.46 -26.08
C GLU B 540 -9.22 -20.74 -26.30
N TYR B 541 -9.92 -21.75 -26.79
CA TYR B 541 -9.40 -23.10 -27.03
C TYR B 541 -9.95 -23.63 -28.38
N ASP B 542 -9.19 -24.48 -29.11
CA ASP B 542 -9.68 -25.02 -30.39
C ASP B 542 -10.96 -25.85 -30.18
N TYR B 543 -10.91 -26.71 -29.16
CA TYR B 543 -12.02 -27.58 -28.88
C TYR B 543 -12.48 -27.45 -27.47
N VAL B 544 -13.79 -27.54 -27.29
CA VAL B 544 -14.39 -27.38 -25.98
C VAL B 544 -15.39 -28.49 -25.74
N ILE B 545 -15.29 -29.12 -24.57
CA ILE B 545 -16.30 -30.12 -24.17
C ILE B 545 -16.98 -29.57 -22.95
N PHE B 546 -18.26 -29.28 -23.09
CA PHE B 546 -19.06 -28.68 -22.03
C PHE B 546 -20.16 -29.61 -21.53
N THR B 547 -20.18 -29.91 -20.22
CA THR B 547 -21.30 -30.67 -19.62
C THR B 547 -22.05 -29.66 -18.72
N GLN B 548 -23.35 -29.47 -18.99
CA GLN B 548 -24.18 -28.57 -18.20
C GLN B 548 -24.29 -28.97 -16.72
N THR B 549 -24.06 -30.27 -16.41
CA THR B 549 -24.08 -30.88 -15.06
C THR B 549 -25.50 -30.93 -14.41
N THR B 550 -26.14 -29.78 -14.22
CA THR B 550 -27.49 -29.67 -13.61
C THR B 550 -28.44 -28.71 -14.48
N GLU B 551 -29.72 -28.52 -14.08
CA GLU B 551 -30.63 -27.58 -14.77
C GLU B 551 -30.90 -26.33 -13.88
N THR B 552 -30.01 -26.03 -12.95
CA THR B 552 -30.18 -24.93 -12.01
C THR B 552 -30.18 -23.55 -12.69
N ALA B 553 -30.58 -22.51 -11.96
CA ALA B 553 -30.51 -21.15 -12.47
C ALA B 553 -29.00 -20.77 -12.71
N HIS B 554 -28.04 -21.40 -12.01
CA HIS B 554 -26.59 -21.15 -12.20
C HIS B 554 -26.12 -21.75 -13.55
N SER B 555 -26.51 -23.01 -13.82
CA SER B 555 -26.11 -23.68 -15.02
C SER B 555 -26.97 -23.28 -16.25
N CYS B 556 -28.15 -22.64 -16.03
CA CYS B 556 -28.95 -22.14 -17.14
C CYS B 556 -28.76 -20.67 -17.40
N ASN B 557 -27.90 -20.00 -16.64
CA ASN B 557 -27.68 -18.57 -16.82
C ASN B 557 -27.18 -18.28 -18.23
N VAL B 558 -27.92 -17.42 -18.99
CA VAL B 558 -27.58 -17.18 -20.36
C VAL B 558 -26.23 -16.50 -20.50
N ASN B 559 -25.78 -15.70 -19.54
CA ASN B 559 -24.45 -15.06 -19.62
C ASN B 559 -23.32 -16.09 -19.45
N ARG B 560 -23.52 -17.04 -18.57
CA ARG B 560 -22.57 -18.11 -18.30
C ARG B 560 -22.58 -19.07 -19.52
N PHE B 561 -23.77 -19.37 -20.07
CA PHE B 561 -23.89 -20.22 -21.26
C PHE B 561 -23.15 -19.60 -22.46
N ASN B 562 -23.36 -18.27 -22.64
CA ASN B 562 -22.72 -17.46 -23.66
C ASN B 562 -21.19 -17.56 -23.52
N VAL B 563 -20.63 -17.36 -22.31
CA VAL B 563 -19.18 -17.50 -22.09
C VAL B 563 -18.74 -18.94 -22.39
N ALA B 564 -19.45 -19.95 -21.85
CA ALA B 564 -19.09 -21.35 -22.07
C ALA B 564 -18.89 -21.72 -23.58
N ILE B 565 -19.90 -21.49 -24.43
CA ILE B 565 -19.81 -21.91 -25.81
C ILE B 565 -18.94 -20.98 -26.69
N THR B 566 -18.69 -19.71 -26.31
CA THR B 566 -17.83 -18.82 -27.08
C THR B 566 -16.30 -18.96 -26.75
N ARG B 567 -15.89 -20.03 -26.02
CA ARG B 567 -14.46 -20.25 -25.75
C ARG B 567 -13.80 -20.99 -26.95
N ALA B 568 -14.61 -21.74 -27.75
CA ALA B 568 -14.21 -22.57 -28.90
C ALA B 568 -13.89 -21.80 -30.18
N LYS B 569 -12.73 -22.13 -30.74
CA LYS B 569 -12.29 -21.60 -32.02
C LYS B 569 -12.76 -22.55 -33.18
N VAL B 570 -12.76 -23.86 -32.93
CA VAL B 570 -13.04 -24.84 -33.97
C VAL B 570 -14.29 -25.73 -33.72
N GLY B 571 -14.32 -26.46 -32.60
CA GLY B 571 -15.42 -27.35 -32.30
C GLY B 571 -15.83 -27.30 -30.84
N ILE B 572 -17.08 -27.66 -30.57
CA ILE B 572 -17.65 -27.75 -29.25
C ILE B 572 -18.61 -28.94 -29.16
N LEU B 573 -18.62 -29.61 -28.02
CA LEU B 573 -19.55 -30.68 -27.73
C LEU B 573 -20.29 -30.17 -26.48
N CYS B 574 -21.62 -30.07 -26.52
CA CYS B 574 -22.40 -29.63 -25.38
C CYS B 574 -23.29 -30.76 -24.90
N ILE B 575 -23.06 -31.28 -23.69
CA ILE B 575 -23.95 -32.28 -23.11
C ILE B 575 -24.84 -31.46 -22.21
N MET B 576 -26.10 -31.29 -22.65
CA MET B 576 -27.11 -30.42 -22.04
C MET B 576 -28.10 -31.12 -21.16
N SER B 577 -28.52 -30.42 -20.11
CA SER B 577 -29.54 -30.84 -19.15
C SER B 577 -30.86 -30.12 -19.41
N ASP B 578 -30.79 -28.84 -19.81
CA ASP B 578 -31.91 -27.94 -20.03
C ASP B 578 -32.37 -28.00 -21.45
N ARG B 579 -33.66 -28.31 -21.66
CA ARG B 579 -34.25 -28.39 -22.99
C ARG B 579 -34.24 -27.03 -23.72
N ASP B 580 -34.49 -25.94 -23.00
CA ASP B 580 -34.50 -24.58 -23.55
C ASP B 580 -33.15 -24.25 -24.24
N LEU B 581 -32.05 -24.21 -23.46
CA LEU B 581 -30.73 -23.93 -24.02
C LEU B 581 -30.28 -24.99 -25.06
N TYR B 582 -30.68 -26.28 -24.91
CA TYR B 582 -30.33 -27.30 -25.88
C TYR B 582 -31.04 -26.98 -27.22
N ASP B 583 -32.32 -26.59 -27.17
CA ASP B 583 -33.10 -26.24 -28.36
C ASP B 583 -32.58 -24.97 -29.07
N LYS B 584 -31.98 -24.05 -28.27
CA LYS B 584 -31.37 -22.80 -28.74
C LYS B 584 -29.99 -23.03 -29.37
N LEU B 585 -29.31 -24.14 -29.05
CA LEU B 585 -28.02 -24.45 -29.66
C LEU B 585 -28.21 -24.80 -31.16
N GLN B 586 -27.56 -24.03 -32.06
CA GLN B 586 -27.66 -24.26 -33.49
C GLN B 586 -26.49 -25.15 -33.89
N PHE B 587 -26.49 -26.34 -33.29
CA PHE B 587 -25.47 -27.37 -33.41
C PHE B 587 -26.12 -28.63 -33.96
N THR B 588 -25.25 -29.55 -34.42
CA THR B 588 -25.68 -30.85 -34.89
C THR B 588 -25.99 -31.68 -33.66
N SER B 589 -27.21 -32.25 -33.61
CA SER B 589 -27.58 -33.08 -32.48
C SER B 589 -27.04 -34.48 -32.65
N LEU B 590 -26.44 -35.02 -31.57
CA LEU B 590 -25.90 -36.37 -31.53
C LEU B 590 -26.88 -37.29 -30.77
N GLU B 591 -26.96 -38.56 -31.19
CA GLU B 591 -27.83 -39.51 -30.51
C GLU B 591 -27.12 -40.02 -29.23
N ILE B 592 -27.92 -40.46 -28.22
CA ILE B 592 -27.42 -41.02 -26.93
C ILE B 592 -27.08 -42.48 -27.06
N PRO B 593 -25.83 -42.87 -26.67
CA PRO B 593 -25.45 -44.29 -26.74
C PRO B 593 -26.04 -45.14 -25.59
N1 VWV C . 17.19 25.20 24.57
C4 VWV C . 15.78 25.50 24.85
C5 VWV C . 17.91 24.94 25.82
C6 VWV C . 19.39 24.78 25.59
C7 VWV C . 18.70 23.81 23.21
C8 VWV C . 17.29 24.05 23.68
C1 VWV C . 13.31 29.33 25.74
C2 VWV C . 14.14 28.78 24.65
O1 VWV C . 14.57 27.45 25.05
C3 VWV C . 15.30 26.77 24.18
O2 VWV C . 15.57 27.10 23.06
S1 VWV C . 19.70 23.35 24.60
O3 VWV C . 19.13 22.20 25.22
O4 VWV C . 21.08 23.33 24.23
ZN ZN D . 28.69 14.84 -35.55
ZN ZN E . 23.69 16.85 -14.25
ZN ZN F . 16.30 27.34 -13.76
P PO4 G . 10.40 10.47 27.06
O1 PO4 G . 11.74 9.58 27.10
O2 PO4 G . 10.81 11.89 26.68
O3 PO4 G . 9.75 10.47 28.52
O4 PO4 G . 9.32 9.86 26.05
P PO4 H . 14.76 8.99 24.69
O1 PO4 H . 15.21 8.40 26.11
O2 PO4 H . 14.77 10.52 24.73
O3 PO4 H . 15.87 8.51 23.65
O4 PO4 H . 13.31 8.48 24.22
ZN ZN I . -28.59 2.95 10.39
ZN ZN J . -30.48 14.42 5.62
ZN ZN K . -29.58 5.42 32.00
P PO4 L . -11.51 -9.94 -27.57
O1 PO4 L . -10.35 -8.96 -27.07
O2 PO4 L . -11.84 -11.03 -26.44
O3 PO4 L . -11.02 -10.67 -28.82
O4 PO4 L . -12.83 -9.11 -27.90
P PO4 M . -13.83 -12.58 -24.35
O1 PO4 M . -12.29 -12.18 -24.26
O2 PO4 M . -14.30 -13.12 -22.99
O3 PO4 M . -14.11 -13.71 -25.44
O4 PO4 M . -14.73 -11.30 -24.67
#